data_3L09
#
_entry.id   3L09
#
_cell.length_a   69.953
_cell.length_b   81.722
_cell.length_c   199.921
_cell.angle_alpha   90.000
_cell.angle_beta   90.000
_cell.angle_gamma   90.000
#
_symmetry.space_group_name_H-M   'P 21 21 21'
#
loop_
_entity.id
_entity.type
_entity.pdbx_description
1 polymer 'Putative transcriptional regulator'
2 non-polymer 'SULFATE ION'
3 water water
#
_entity_poly.entity_id   1
_entity_poly.type   'polypeptide(L)'
_entity_poly.pdbx_seq_one_letter_code
;GVADASDPIRPLVEALNAEAPLKLWSVLVTCLGDVSRDGVIEVSGVALSSFVER(MSE)GLQPQA(MSE)RVALHRLKRD
GWVESRRLGRVGFHRLSDSALTQTRAVAGRIYGPGAGPAPWHLAG(MSE)PPDAPDGLSLLPDTLSATPISRRFALICGP
LEDVPEDWLLTAPSGRGLPVWVQDVVVEAGCEAEFKALERTLAQIDKVPDTRLERFTLRVLVLHAWRRLILRSSPAAEAA
LGGARAEISCRARVHQLLDQLGSVEPDWDLPATEDAAS
;
_entity_poly.pdbx_strand_id   A,B,C,D
#
# COMPACT_ATOMS: atom_id res chain seq x y z
N SER A 6 -49.30 -9.18 21.74
CA SER A 6 -48.05 -8.41 21.85
C SER A 6 -47.22 -8.46 20.56
N ASP A 7 -47.86 -8.98 19.44
CA ASP A 7 -47.41 -9.17 18.03
C ASP A 7 -46.10 -8.46 17.65
N PRO A 8 -45.07 -9.15 17.08
CA PRO A 8 -43.82 -8.43 16.74
C PRO A 8 -43.82 -7.77 15.36
N ILE A 9 -44.71 -8.25 14.44
CA ILE A 9 -44.86 -7.80 13.06
C ILE A 9 -45.34 -6.35 12.93
N ARG A 10 -46.58 -6.04 13.38
CA ARG A 10 -47.17 -4.69 13.34
C ARG A 10 -46.19 -3.57 13.75
N PRO A 11 -45.55 -3.61 14.96
CA PRO A 11 -44.63 -2.51 15.33
C PRO A 11 -43.42 -2.40 14.44
N LEU A 12 -42.84 -3.54 14.01
CA LEU A 12 -41.68 -3.56 13.11
C LEU A 12 -42.02 -2.88 11.78
N VAL A 13 -43.20 -3.22 11.18
CA VAL A 13 -43.72 -2.62 9.94
C VAL A 13 -43.81 -1.08 10.12
N GLU A 14 -44.51 -0.61 11.19
CA GLU A 14 -44.69 0.81 11.52
C GLU A 14 -43.37 1.51 11.61
N ALA A 15 -42.38 0.86 12.25
CA ALA A 15 -41.01 1.36 12.46
C ALA A 15 -40.25 1.50 11.17
N LEU A 16 -40.26 0.46 10.29
CA LEU A 16 -39.59 0.47 8.99
C LEU A 16 -40.22 1.54 8.09
N ASN A 17 -41.56 1.61 8.06
CA ASN A 17 -42.30 2.60 7.28
C ASN A 17 -41.99 4.01 7.71
N ALA A 18 -41.76 4.20 9.02
CA ALA A 18 -41.45 5.50 9.58
C ALA A 18 -40.10 6.01 9.08
N GLU A 19 -39.07 5.13 8.93
CA GLU A 19 -37.76 5.55 8.42
C GLU A 19 -37.78 5.80 6.91
N ALA A 20 -38.43 4.90 6.17
CA ALA A 20 -38.57 4.93 4.72
C ALA A 20 -39.74 4.02 4.35
N PRO A 21 -40.82 4.56 3.75
CA PRO A 21 -41.97 3.70 3.42
C PRO A 21 -41.61 2.44 2.63
N LEU A 22 -42.17 1.30 3.06
CA LEU A 22 -41.94 -0.01 2.44
C LEU A 22 -42.72 -0.11 1.15
N LYS A 23 -42.01 -0.37 0.06
CA LYS A 23 -42.51 -0.56 -1.31
C LYS A 23 -42.78 -2.07 -1.44
N LEU A 24 -44.07 -2.46 -1.59
CA LEU A 24 -44.43 -3.87 -1.64
C LEU A 24 -43.69 -4.66 -2.69
N TRP A 25 -43.54 -4.10 -3.91
CA TRP A 25 -42.84 -4.79 -4.99
C TRP A 25 -41.43 -5.22 -4.56
N SER A 26 -40.72 -4.34 -3.82
CA SER A 26 -39.37 -4.64 -3.34
C SER A 26 -39.37 -5.70 -2.24
N VAL A 27 -40.35 -5.63 -1.30
CA VAL A 27 -40.53 -6.61 -0.23
C VAL A 27 -40.73 -7.99 -0.88
N LEU A 28 -41.52 -8.04 -1.99
CA LEU A 28 -41.78 -9.27 -2.74
C LEU A 28 -40.51 -9.81 -3.39
N VAL A 29 -39.66 -8.92 -3.94
CA VAL A 29 -38.36 -9.25 -4.55
C VAL A 29 -37.43 -9.88 -3.50
N THR A 30 -37.43 -9.33 -2.26
CA THR A 30 -36.65 -9.87 -1.13
C THR A 30 -37.15 -11.28 -0.78
N CYS A 31 -38.48 -11.41 -0.64
CA CYS A 31 -39.16 -12.65 -0.29
C CYS A 31 -38.84 -13.76 -1.28
N LEU A 32 -39.12 -13.51 -2.57
CA LEU A 32 -38.89 -14.48 -3.63
C LEU A 32 -37.42 -14.84 -3.75
N GLY A 33 -36.57 -13.82 -3.58
CA GLY A 33 -35.12 -13.94 -3.59
C GLY A 33 -34.59 -14.84 -2.51
N ASP A 34 -35.11 -14.66 -1.29
CA ASP A 34 -34.71 -15.45 -0.13
C ASP A 34 -35.11 -16.92 -0.23
N VAL A 35 -36.35 -17.20 -0.70
CA VAL A 35 -36.84 -18.57 -0.82
C VAL A 35 -36.13 -19.36 -1.91
N SER A 36 -35.83 -18.70 -3.04
CA SER A 36 -35.16 -19.32 -4.18
C SER A 36 -33.68 -19.67 -3.90
N ARG A 37 -32.99 -18.86 -3.07
CA ARG A 37 -31.63 -19.07 -2.53
C ARG A 37 -31.52 -20.46 -1.80
N ASP A 38 -32.64 -20.86 -1.09
CA ASP A 38 -32.74 -22.12 -0.30
C ASP A 38 -33.64 -23.24 -0.84
N GLY A 39 -33.94 -23.24 -2.14
CA GLY A 39 -34.67 -24.36 -2.75
C GLY A 39 -36.10 -24.19 -3.26
N VAL A 40 -36.92 -23.36 -2.56
CA VAL A 40 -38.31 -23.08 -2.96
C VAL A 40 -38.22 -22.20 -4.19
N ILE A 41 -38.20 -22.83 -5.38
CA ILE A 41 -38.03 -22.05 -6.58
C ILE A 41 -39.25 -21.15 -6.86
N GLU A 42 -40.48 -21.61 -6.51
CA GLU A 42 -41.71 -20.82 -6.67
C GLU A 42 -42.73 -20.95 -5.54
N VAL A 43 -43.37 -19.82 -5.19
CA VAL A 43 -44.37 -19.66 -4.13
C VAL A 43 -45.75 -19.49 -4.76
N SER A 44 -46.79 -20.18 -4.20
CA SER A 44 -48.18 -20.06 -4.66
C SER A 44 -48.71 -18.66 -4.33
N GLY A 45 -49.65 -18.19 -5.14
CA GLY A 45 -50.26 -16.87 -4.95
C GLY A 45 -51.00 -16.73 -3.64
N VAL A 46 -51.64 -17.81 -3.18
CA VAL A 46 -52.39 -17.85 -1.92
C VAL A 46 -51.46 -17.83 -0.67
N ALA A 47 -50.29 -18.50 -0.78
CA ALA A 47 -49.26 -18.54 0.26
C ALA A 47 -48.59 -17.16 0.36
N LEU A 48 -48.40 -16.53 -0.81
CA LEU A 48 -47.82 -15.19 -0.92
C LEU A 48 -48.81 -14.18 -0.34
N SER A 49 -50.11 -14.38 -0.61
CA SER A 49 -51.22 -13.55 -0.16
C SER A 49 -51.36 -13.54 1.36
N SER A 50 -51.11 -14.69 2.03
CA SER A 50 -51.18 -14.81 3.49
C SER A 50 -50.05 -14.03 4.14
N PHE A 51 -48.87 -13.98 3.48
CA PHE A 51 -47.70 -13.21 3.93
C PHE A 51 -48.02 -11.70 3.85
N VAL A 52 -48.56 -11.25 2.70
CA VAL A 52 -48.96 -9.86 2.45
C VAL A 52 -50.03 -9.40 3.47
N GLU A 53 -50.99 -10.29 3.78
CA GLU A 53 -52.06 -10.00 4.75
C GLU A 53 -51.51 -9.90 6.18
N ARG A 54 -50.61 -10.83 6.58
CA ARG A 54 -49.96 -10.90 7.90
C ARG A 54 -49.19 -9.61 8.23
N GLY A 56 -50.22 -6.67 7.19
CA GLY A 56 -51.23 -5.64 7.39
C GLY A 56 -51.74 -5.05 6.09
N LEU A 57 -51.37 -5.67 4.96
CA LEU A 57 -51.72 -5.20 3.61
C LEU A 57 -52.85 -5.95 2.94
N GLN A 58 -53.36 -5.37 1.84
CA GLN A 58 -54.46 -5.91 1.04
C GLN A 58 -54.00 -6.86 -0.06
N PRO A 59 -54.78 -7.93 -0.41
CA PRO A 59 -54.35 -8.80 -1.52
C PRO A 59 -54.33 -8.09 -2.88
N GLN A 60 -55.15 -7.02 -3.01
CA GLN A 60 -55.24 -6.12 -4.18
C GLN A 60 -53.87 -5.47 -4.43
N ALA A 61 -53.20 -5.01 -3.35
CA ALA A 61 -51.87 -4.39 -3.36
C ALA A 61 -50.83 -5.37 -3.90
N ARG A 63 -51.46 -7.88 -6.02
CA ARG A 63 -51.73 -8.06 -7.45
C ARG A 63 -51.09 -6.93 -8.27
N VAL A 64 -51.24 -5.66 -7.84
CA VAL A 64 -50.64 -4.49 -8.53
C VAL A 64 -49.11 -4.53 -8.50
N ALA A 65 -48.54 -5.09 -7.41
CA ALA A 65 -47.10 -5.26 -7.21
C ALA A 65 -46.60 -6.36 -8.15
N LEU A 66 -47.36 -7.49 -8.26
CA LEU A 66 -47.00 -8.58 -9.16
C LEU A 66 -47.13 -8.17 -10.63
N HIS A 67 -48.12 -7.29 -10.97
CA HIS A 67 -48.25 -6.79 -12.34
C HIS A 67 -47.04 -5.90 -12.70
N ARG A 68 -46.64 -4.99 -11.79
CA ARG A 68 -45.49 -4.12 -11.98
C ARG A 68 -44.25 -4.98 -12.25
N LEU A 69 -43.98 -5.97 -11.36
CA LEU A 69 -42.84 -6.88 -11.44
C LEU A 69 -42.84 -7.79 -12.66
N LYS A 70 -44.05 -8.18 -13.16
CA LYS A 70 -44.19 -9.03 -14.34
C LYS A 70 -43.69 -8.27 -15.57
N ARG A 71 -44.33 -7.12 -15.89
CA ARG A 71 -43.98 -6.29 -17.05
C ARG A 71 -42.54 -5.83 -17.08
N ASP A 72 -41.95 -5.55 -15.90
CA ASP A 72 -40.56 -5.10 -15.73
C ASP A 72 -39.53 -6.25 -15.72
N GLY A 73 -39.99 -7.48 -15.99
CA GLY A 73 -39.15 -8.67 -16.06
C GLY A 73 -38.42 -9.06 -14.80
N TRP A 74 -39.01 -8.78 -13.62
CA TRP A 74 -38.44 -9.17 -12.34
C TRP A 74 -39.02 -10.48 -11.87
N VAL A 75 -40.31 -10.71 -12.17
CA VAL A 75 -41.02 -11.91 -11.76
C VAL A 75 -41.64 -12.64 -12.97
N GLU A 76 -41.78 -13.96 -12.85
CA GLU A 76 -42.39 -14.85 -13.84
C GLU A 76 -43.56 -15.59 -13.18
N SER A 77 -44.64 -15.87 -13.97
CA SER A 77 -45.84 -16.52 -13.45
C SER A 77 -46.39 -17.70 -14.25
N ARG A 78 -46.79 -18.75 -13.51
CA ARG A 78 -47.36 -20.02 -13.99
C ARG A 78 -48.79 -20.12 -13.51
N ARG A 79 -49.65 -20.81 -14.27
CA ARG A 79 -51.01 -21.07 -13.81
C ARG A 79 -51.29 -22.56 -14.01
N LEU A 80 -51.22 -23.36 -12.92
CA LEU A 80 -51.48 -24.80 -12.94
C LEU A 80 -52.86 -25.01 -12.30
N GLY A 81 -53.88 -25.04 -13.15
CA GLY A 81 -55.26 -25.12 -12.72
C GLY A 81 -55.71 -23.74 -12.26
N ARG A 82 -56.24 -23.65 -11.04
CA ARG A 82 -56.70 -22.38 -10.48
C ARG A 82 -55.62 -21.68 -9.64
N VAL A 83 -54.45 -22.35 -9.46
CA VAL A 83 -53.35 -21.81 -8.65
C VAL A 83 -52.29 -21.13 -9.51
N GLY A 84 -51.88 -19.96 -9.05
CA GLY A 84 -50.81 -19.16 -9.65
C GLY A 84 -49.51 -19.35 -8.90
N PHE A 85 -48.40 -19.51 -9.64
CA PHE A 85 -47.06 -19.69 -9.07
C PHE A 85 -46.10 -18.66 -9.58
N HIS A 86 -45.53 -17.90 -8.63
CA HIS A 86 -44.63 -16.78 -8.86
C HIS A 86 -43.21 -17.08 -8.40
N ARG A 87 -42.24 -16.59 -9.16
CA ARG A 87 -40.81 -16.77 -8.90
C ARG A 87 -40.02 -15.61 -9.50
N LEU A 88 -38.79 -15.37 -9.02
CA LEU A 88 -37.98 -14.33 -9.67
C LEU A 88 -37.57 -14.83 -11.06
N SER A 89 -37.47 -13.89 -12.02
CA SER A 89 -37.06 -14.21 -13.39
C SER A 89 -35.57 -14.59 -13.39
N ASP A 90 -35.11 -15.31 -14.43
CA ASP A 90 -33.71 -15.72 -14.58
C ASP A 90 -32.80 -14.52 -14.46
N SER A 91 -33.22 -13.39 -15.06
CA SER A 91 -32.55 -12.08 -15.02
C SER A 91 -32.42 -11.58 -13.57
N ALA A 92 -33.53 -11.66 -12.78
CA ALA A 92 -33.60 -11.24 -11.39
C ALA A 92 -32.80 -12.17 -10.48
N LEU A 93 -32.85 -13.50 -10.72
CA LEU A 93 -32.10 -14.47 -9.92
C LEU A 93 -30.59 -14.29 -10.01
N THR A 94 -30.04 -14.12 -11.23
CA THR A 94 -28.60 -13.92 -11.43
C THR A 94 -28.11 -12.61 -10.78
N GLN A 95 -28.94 -11.55 -10.83
CA GLN A 95 -28.69 -10.25 -10.21
C GLN A 95 -28.72 -10.36 -8.67
N THR A 96 -29.66 -11.18 -8.13
CA THR A 96 -29.87 -11.51 -6.71
C THR A 96 -28.69 -12.29 -6.17
N ARG A 97 -28.23 -13.27 -6.96
CA ARG A 97 -27.13 -14.15 -6.61
C ARG A 97 -25.80 -13.38 -6.56
N ALA A 98 -25.68 -12.32 -7.39
CA ALA A 98 -24.50 -11.45 -7.48
C ALA A 98 -24.30 -10.63 -6.21
N VAL A 99 -25.35 -10.49 -5.37
CA VAL A 99 -25.28 -9.72 -4.13
C VAL A 99 -25.45 -10.57 -2.87
N ALA A 100 -25.55 -11.90 -3.05
CA ALA A 100 -25.69 -12.87 -1.95
C ALA A 100 -24.69 -12.65 -0.81
N GLY A 101 -23.41 -12.54 -1.14
CA GLY A 101 -22.32 -12.36 -0.19
C GLY A 101 -22.39 -11.07 0.59
N ARG A 102 -22.85 -10.00 -0.08
CA ARG A 102 -23.03 -8.67 0.49
C ARG A 102 -24.14 -8.72 1.57
N ILE A 103 -25.26 -9.38 1.24
CA ILE A 103 -26.43 -9.50 2.09
C ILE A 103 -26.27 -10.55 3.17
N TYR A 104 -26.08 -11.82 2.75
CA TYR A 104 -26.00 -12.97 3.64
C TYR A 104 -24.60 -13.34 4.18
N GLY A 105 -23.55 -12.85 3.53
CA GLY A 105 -22.18 -13.15 3.91
C GLY A 105 -21.68 -12.61 5.24
N PRO A 106 -20.42 -12.95 5.64
CA PRO A 106 -19.90 -12.50 6.94
C PRO A 106 -19.46 -11.05 7.02
N GLY A 107 -19.35 -10.38 5.88
CA GLY A 107 -18.95 -8.97 5.85
C GLY A 107 -17.46 -8.77 5.67
N ALA A 108 -17.11 -7.55 5.24
CA ALA A 108 -15.74 -7.13 4.91
C ALA A 108 -14.80 -6.97 6.10
N GLY A 109 -15.37 -6.85 7.30
CA GLY A 109 -14.62 -6.66 8.54
C GLY A 109 -13.68 -5.47 8.47
N PRO A 110 -12.42 -5.61 8.92
CA PRO A 110 -11.47 -4.49 8.79
C PRO A 110 -10.87 -4.58 7.40
N ALA A 111 -11.63 -4.05 6.44
CA ALA A 111 -11.23 -4.08 5.04
C ALA A 111 -10.40 -2.86 4.75
N PRO A 112 -9.32 -2.98 3.95
CA PRO A 112 -8.53 -1.79 3.66
C PRO A 112 -9.11 -0.98 2.49
N TRP A 113 -8.86 0.32 2.53
CA TRP A 113 -9.25 1.23 1.47
C TRP A 113 -8.01 1.84 0.78
N HIS A 114 -8.23 2.44 -0.39
CA HIS A 114 -7.21 3.06 -1.20
C HIS A 114 -7.81 4.30 -1.86
N LEU A 115 -6.96 5.15 -2.44
CA LEU A 115 -7.45 6.33 -3.13
C LEU A 115 -7.06 6.21 -4.60
N ALA A 116 -8.04 6.44 -5.49
CA ALA A 116 -7.85 6.32 -6.93
C ALA A 116 -8.13 7.65 -7.63
N GLY A 117 -7.19 8.07 -8.46
CA GLY A 117 -7.26 9.31 -9.22
C GLY A 117 -7.35 9.03 -10.70
N PRO A 119 -7.54 9.72 -14.93
CA PRO A 119 -6.83 10.59 -15.88
C PRO A 119 -7.60 11.87 -16.28
N PRO A 120 -6.91 12.93 -16.79
CA PRO A 120 -7.60 14.20 -17.11
C PRO A 120 -8.61 14.15 -18.25
N ASP A 121 -8.34 13.30 -19.24
CA ASP A 121 -9.19 13.08 -20.41
C ASP A 121 -10.54 12.43 -20.08
N ALA A 122 -10.59 11.56 -19.04
CA ALA A 122 -11.78 10.81 -18.61
C ALA A 122 -12.65 11.57 -17.57
N PRO A 123 -13.80 12.16 -17.99
CA PRO A 123 -14.64 12.87 -17.01
C PRO A 123 -15.49 11.91 -16.16
N ASP A 124 -16.15 10.92 -16.79
CA ASP A 124 -16.96 9.94 -16.07
C ASP A 124 -16.10 8.67 -15.85
N GLY A 125 -14.95 8.88 -15.22
CA GLY A 125 -13.99 7.83 -14.89
C GLY A 125 -14.56 6.71 -14.05
N LEU A 126 -15.45 7.05 -13.08
CA LEU A 126 -16.09 6.08 -12.20
C LEU A 126 -16.90 4.99 -12.94
N SER A 127 -17.42 5.31 -14.13
CA SER A 127 -18.15 4.34 -14.96
C SER A 127 -17.17 3.31 -15.55
N LEU A 128 -15.91 3.73 -15.84
CA LEU A 128 -14.81 2.88 -16.35
C LEU A 128 -14.30 1.90 -15.28
N LEU A 129 -14.74 2.05 -14.01
CA LEU A 129 -14.31 1.17 -12.92
C LEU A 129 -15.19 -0.06 -12.84
N PRO A 130 -14.56 -1.26 -12.85
CA PRO A 130 -15.33 -2.51 -12.77
C PRO A 130 -16.33 -2.61 -11.62
N ASP A 131 -17.33 -3.50 -11.78
CA ASP A 131 -18.38 -3.82 -10.82
C ASP A 131 -17.84 -4.42 -9.53
N THR A 132 -16.61 -5.01 -9.60
CA THR A 132 -15.86 -5.68 -8.52
C THR A 132 -15.29 -4.66 -7.54
N LEU A 133 -15.14 -3.40 -8.01
CA LEU A 133 -14.62 -2.27 -7.24
C LEU A 133 -15.77 -1.40 -6.77
N SER A 134 -15.67 -0.94 -5.51
CA SER A 134 -16.59 -0.02 -4.88
C SER A 134 -15.86 1.30 -4.82
N ALA A 135 -16.53 2.40 -5.27
CA ALA A 135 -15.91 3.71 -5.28
C ALA A 135 -16.81 4.80 -4.76
N THR A 136 -16.26 5.60 -3.81
CA THR A 136 -16.93 6.77 -3.23
C THR A 136 -16.13 8.03 -3.59
N PRO A 137 -16.67 8.90 -4.49
CA PRO A 137 -15.94 10.13 -4.84
C PRO A 137 -15.80 11.06 -3.65
N ILE A 138 -14.63 11.70 -3.52
CA ILE A 138 -14.32 12.67 -2.47
C ILE A 138 -13.93 14.01 -3.11
N SER A 139 -13.67 13.97 -4.44
CA SER A 139 -13.36 15.10 -5.34
C SER A 139 -13.85 14.69 -6.76
N ARG A 140 -13.76 15.60 -7.75
CA ARG A 140 -14.19 15.34 -9.13
C ARG A 140 -13.40 14.22 -9.83
N ARG A 141 -12.12 14.03 -9.47
CA ARG A 141 -11.26 13.05 -10.08
C ARG A 141 -10.78 11.96 -9.13
N PHE A 142 -10.97 12.16 -7.82
CA PHE A 142 -10.53 11.22 -6.80
C PHE A 142 -11.67 10.58 -6.03
N ALA A 143 -11.51 9.28 -5.76
CA ALA A 143 -12.46 8.47 -5.04
C ALA A 143 -11.78 7.48 -4.12
N LEU A 144 -12.45 7.15 -3.00
CA LEU A 144 -12.00 6.12 -2.08
C LEU A 144 -12.48 4.81 -2.67
N ILE A 145 -11.57 3.83 -2.80
CA ILE A 145 -11.89 2.54 -3.42
C ILE A 145 -11.74 1.33 -2.50
N CYS A 146 -12.50 0.28 -2.84
CA CYS A 146 -12.50 -1.02 -2.17
C CYS A 146 -12.59 -2.10 -3.20
N GLY A 147 -11.89 -3.20 -2.96
CA GLY A 147 -11.95 -4.36 -3.84
C GLY A 147 -10.63 -4.75 -4.46
N PRO A 148 -10.65 -5.67 -5.46
CA PRO A 148 -9.39 -6.12 -6.07
C PRO A 148 -8.60 -5.01 -6.78
N LEU A 149 -7.40 -4.71 -6.26
CA LEU A 149 -6.56 -3.66 -6.82
C LEU A 149 -6.06 -3.99 -8.22
N GLU A 150 -6.10 -5.26 -8.60
CA GLU A 150 -5.72 -5.70 -9.94
C GLU A 150 -6.72 -5.16 -10.98
N ASP A 151 -7.95 -4.84 -10.53
CA ASP A 151 -9.03 -4.30 -11.36
C ASP A 151 -8.98 -2.79 -11.48
N VAL A 152 -8.03 -2.14 -10.77
CA VAL A 152 -7.83 -0.69 -10.87
C VAL A 152 -6.99 -0.45 -12.14
N PRO A 153 -7.53 0.26 -13.16
CA PRO A 153 -6.77 0.46 -14.41
C PRO A 153 -5.42 1.15 -14.22
N GLU A 154 -4.44 0.78 -15.06
CA GLU A 154 -3.06 1.29 -15.02
C GLU A 154 -2.91 2.77 -15.27
N ASP A 155 -3.95 3.43 -15.81
CA ASP A 155 -3.91 4.85 -16.10
C ASP A 155 -4.54 5.69 -14.96
N TRP A 156 -4.79 5.04 -13.81
CA TRP A 156 -5.30 5.68 -12.62
C TRP A 156 -4.18 5.79 -11.59
N LEU A 157 -4.19 6.87 -10.78
CA LEU A 157 -3.18 7.03 -9.73
C LEU A 157 -3.66 6.33 -8.47
N LEU A 158 -2.99 5.22 -8.14
CA LEU A 158 -3.35 4.44 -6.96
C LEU A 158 -2.45 4.78 -5.81
N THR A 159 -3.09 5.25 -4.73
CA THR A 159 -2.40 5.74 -3.53
C THR A 159 -3.02 5.12 -2.25
N ALA A 160 -2.17 4.81 -1.24
CA ALA A 160 -2.57 4.12 -0.01
C ALA A 160 -2.71 5.00 1.24
N PRO A 161 -3.45 4.57 2.28
CA PRO A 161 -3.58 5.40 3.49
C PRO A 161 -2.30 5.63 4.26
N SER A 162 -2.18 6.81 4.88
CA SER A 162 -1.05 7.14 5.76
C SER A 162 -1.47 6.80 7.20
N GLY A 163 -0.53 6.82 8.13
CA GLY A 163 -0.80 6.54 9.55
C GLY A 163 -1.83 7.49 10.17
N ARG A 164 -1.95 8.69 9.57
CA ARG A 164 -2.86 9.77 9.92
C ARG A 164 -4.33 9.29 9.74
N GLY A 165 -5.25 9.89 10.50
CA GLY A 165 -6.68 9.60 10.39
C GLY A 165 -7.26 10.21 9.11
N LEU A 166 -8.57 10.45 9.09
CA LEU A 166 -9.16 11.11 7.92
C LEU A 166 -9.47 12.55 8.27
N PRO A 167 -9.25 13.54 7.37
CA PRO A 167 -9.65 14.92 7.70
C PRO A 167 -11.18 14.95 7.86
N VAL A 168 -11.70 15.92 8.65
CA VAL A 168 -13.14 16.03 8.90
C VAL A 168 -13.97 15.99 7.61
N TRP A 169 -13.54 16.70 6.55
CA TRP A 169 -14.25 16.75 5.29
C TRP A 169 -14.43 15.38 4.62
N VAL A 170 -13.44 14.47 4.82
CA VAL A 170 -13.50 13.09 4.31
C VAL A 170 -14.47 12.29 5.21
N GLN A 171 -14.27 12.33 6.57
CA GLN A 171 -15.16 11.65 7.54
C GLN A 171 -16.63 11.98 7.33
N ASP A 172 -16.94 13.25 6.92
CA ASP A 172 -18.29 13.69 6.63
C ASP A 172 -18.89 12.94 5.43
N VAL A 173 -18.09 12.74 4.34
CA VAL A 173 -18.51 12.01 3.15
C VAL A 173 -18.81 10.55 3.52
N VAL A 174 -17.81 9.87 4.18
CA VAL A 174 -17.89 8.44 4.55
C VAL A 174 -18.96 8.07 5.54
N VAL A 175 -19.28 9.00 6.44
CA VAL A 175 -20.37 8.80 7.40
C VAL A 175 -21.70 8.71 6.65
N GLU A 176 -21.88 9.57 5.62
CA GLU A 176 -23.07 9.63 4.77
C GLU A 176 -23.18 8.41 3.83
N ALA A 177 -22.19 8.21 2.93
CA ALA A 177 -22.15 7.09 1.96
C ALA A 177 -22.08 5.69 2.59
N GLY A 178 -21.46 5.59 3.78
CA GLY A 178 -21.31 4.36 4.55
C GLY A 178 -22.40 4.13 5.58
N CYS A 179 -23.53 4.89 5.46
CA CYS A 179 -24.79 4.85 6.25
C CYS A 179 -24.68 4.57 7.75
N GLU A 180 -23.67 5.19 8.39
CA GLU A 180 -23.37 5.09 9.82
C GLU A 180 -24.61 5.43 10.67
N ALA A 181 -25.34 6.54 10.35
CA ALA A 181 -26.56 6.92 11.07
C ALA A 181 -27.71 5.91 10.85
N GLU A 182 -27.79 5.37 9.63
CA GLU A 182 -28.83 4.45 9.19
C GLU A 182 -28.71 3.02 9.75
N PHE A 183 -27.47 2.47 9.86
CA PHE A 183 -27.24 1.14 10.43
C PHE A 183 -27.53 1.16 11.93
N LYS A 184 -27.18 2.29 12.60
CA LYS A 184 -27.42 2.55 14.02
C LYS A 184 -28.91 2.56 14.27
N ALA A 185 -29.66 3.31 13.42
CA ALA A 185 -31.11 3.48 13.50
C ALA A 185 -31.89 2.17 13.28
N LEU A 186 -31.40 1.33 12.33
CA LEU A 186 -32.01 0.01 12.03
C LEU A 186 -31.78 -0.99 13.18
N GLU A 187 -30.54 -1.03 13.74
CA GLU A 187 -30.16 -1.86 14.89
C GLU A 187 -31.03 -1.49 16.10
N ARG A 188 -31.21 -0.18 16.35
CA ARG A 188 -32.04 0.36 17.44
C ARG A 188 -33.52 -0.07 17.25
N THR A 189 -34.03 -0.02 16.00
CA THR A 189 -35.38 -0.51 15.70
C THR A 189 -35.41 -2.03 15.91
N LEU A 190 -34.39 -2.77 15.38
CA LEU A 190 -34.27 -4.21 15.52
C LEU A 190 -34.13 -4.72 16.95
N ALA A 191 -33.59 -3.89 17.85
CA ALA A 191 -33.45 -4.23 19.27
C ALA A 191 -34.80 -4.57 19.94
N GLN A 192 -35.95 -4.04 19.39
CA GLN A 192 -37.29 -4.28 19.91
C GLN A 192 -37.70 -5.79 19.92
N ILE A 193 -37.24 -6.59 18.91
CA ILE A 193 -37.53 -8.01 18.75
C ILE A 193 -36.90 -8.78 19.89
N ASP A 194 -37.75 -9.33 20.76
CA ASP A 194 -37.32 -10.06 21.95
C ASP A 194 -37.47 -11.57 21.85
N LYS A 195 -38.69 -12.06 21.44
CA LYS A 195 -39.02 -13.49 21.31
C LYS A 195 -39.40 -13.92 19.91
N VAL A 196 -39.03 -15.17 19.57
CA VAL A 196 -39.31 -15.82 18.29
C VAL A 196 -40.80 -16.23 18.31
N PRO A 197 -41.59 -15.87 17.28
CA PRO A 197 -43.00 -16.28 17.28
C PRO A 197 -43.18 -17.78 17.02
N ASP A 198 -44.29 -18.34 17.53
CA ASP A 198 -44.64 -19.76 17.45
C ASP A 198 -45.00 -20.20 16.02
N THR A 199 -45.90 -19.46 15.34
CA THR A 199 -46.38 -19.72 13.97
C THR A 199 -45.23 -19.73 12.96
N ARG A 200 -45.34 -20.64 11.96
CA ARG A 200 -44.42 -20.77 10.83
C ARG A 200 -44.58 -19.54 9.95
N LEU A 201 -45.84 -19.04 9.78
CA LEU A 201 -46.14 -17.84 9.02
C LEU A 201 -45.53 -16.58 9.68
N GLU A 202 -45.70 -16.41 11.01
CA GLU A 202 -45.14 -15.28 11.75
C GLU A 202 -43.61 -15.28 11.60
N ARG A 203 -42.98 -16.46 11.82
CA ARG A 203 -41.53 -16.64 11.66
C ARG A 203 -41.08 -16.23 10.26
N PHE A 204 -41.84 -16.64 9.22
CA PHE A 204 -41.58 -16.32 7.83
C PHE A 204 -41.69 -14.81 7.56
N THR A 205 -42.83 -14.16 7.96
CA THR A 205 -43.09 -12.73 7.79
C THR A 205 -42.04 -11.88 8.50
N LEU A 206 -41.61 -12.30 9.70
CA LEU A 206 -40.60 -11.55 10.46
C LEU A 206 -39.24 -11.62 9.78
N ARG A 207 -38.86 -12.83 9.29
CA ARG A 207 -37.60 -13.06 8.58
C ARG A 207 -37.53 -12.18 7.34
N VAL A 208 -38.59 -12.20 6.47
CA VAL A 208 -38.67 -11.36 5.26
C VAL A 208 -38.55 -9.87 5.62
N LEU A 209 -39.23 -9.41 6.70
CA LEU A 209 -39.17 -8.01 7.14
C LEU A 209 -37.78 -7.60 7.60
N VAL A 210 -37.15 -8.41 8.48
CA VAL A 210 -35.79 -8.16 9.00
C VAL A 210 -34.80 -8.22 7.82
N LEU A 211 -34.99 -9.18 6.90
CA LEU A 211 -34.11 -9.30 5.75
C LEU A 211 -34.27 -8.13 4.77
N HIS A 212 -35.53 -7.68 4.49
CA HIS A 212 -35.78 -6.56 3.59
C HIS A 212 -35.15 -5.25 4.13
N ALA A 213 -35.36 -4.95 5.41
CA ALA A 213 -34.84 -3.77 6.09
C ALA A 213 -33.33 -3.67 5.93
N TRP A 214 -32.65 -4.80 6.11
CA TRP A 214 -31.20 -4.93 5.99
C TRP A 214 -30.78 -4.88 4.51
N ARG A 215 -31.47 -5.66 3.59
CA ARG A 215 -31.19 -5.67 2.14
C ARG A 215 -31.21 -4.24 1.58
N ARG A 216 -32.32 -3.52 1.80
CA ARG A 216 -32.51 -2.15 1.30
C ARG A 216 -31.43 -1.16 1.71
N LEU A 217 -30.79 -1.42 2.85
CA LEU A 217 -29.74 -0.57 3.39
C LEU A 217 -28.34 -1.00 2.93
N ILE A 218 -28.00 -2.28 3.12
CA ILE A 218 -26.70 -2.83 2.77
C ILE A 218 -26.34 -2.61 1.29
N LEU A 219 -27.34 -2.67 0.42
CA LEU A 219 -27.19 -2.46 -1.00
C LEU A 219 -27.21 -0.99 -1.40
N ARG A 220 -27.45 -0.07 -0.42
CA ARG A 220 -27.50 1.38 -0.64
C ARG A 220 -26.19 1.99 -0.18
N SER A 221 -25.61 1.40 0.87
CA SER A 221 -24.35 1.80 1.49
C SER A 221 -23.18 1.48 0.58
N SER A 222 -22.06 2.19 0.80
CA SER A 222 -20.86 1.99 0.01
C SER A 222 -19.80 1.19 0.77
N PRO A 223 -19.40 0.00 0.24
CA PRO A 223 -18.36 -0.79 0.92
C PRO A 223 -17.02 -0.06 1.05
N ALA A 224 -16.71 0.85 0.09
CA ALA A 224 -15.50 1.70 0.09
C ALA A 224 -15.57 2.65 1.29
N ALA A 225 -16.70 3.39 1.40
CA ALA A 225 -16.99 4.29 2.51
C ALA A 225 -17.04 3.52 3.82
N GLU A 226 -17.53 2.25 3.80
CA GLU A 226 -17.56 1.39 4.99
C GLU A 226 -16.15 1.11 5.46
N ALA A 227 -15.27 0.55 4.57
CA ALA A 227 -13.85 0.28 4.85
C ALA A 227 -13.13 1.51 5.46
N ALA A 228 -13.45 2.76 4.95
CA ALA A 228 -12.90 4.04 5.42
C ALA A 228 -13.36 4.40 6.84
N LEU A 229 -14.53 3.89 7.28
CA LEU A 229 -15.03 4.14 8.63
C LEU A 229 -14.31 3.32 9.71
N GLY A 230 -13.78 2.13 9.32
CA GLY A 230 -13.00 1.27 10.18
C GLY A 230 -13.78 0.20 10.92
N GLY A 231 -13.10 -0.53 11.80
CA GLY A 231 -13.63 -1.64 12.57
C GLY A 231 -14.74 -1.37 13.55
N ALA A 232 -14.92 -0.09 13.90
CA ALA A 232 -15.93 0.37 14.85
C ALA A 232 -17.20 0.81 14.14
N ARG A 233 -17.25 0.69 12.77
CA ARG A 233 -18.39 1.07 11.93
C ARG A 233 -19.70 0.40 12.37
N ALA A 234 -20.81 1.13 12.19
CA ALA A 234 -22.14 0.68 12.55
C ALA A 234 -22.56 -0.56 11.78
N GLU A 235 -22.02 -0.77 10.55
CA GLU A 235 -22.35 -1.95 9.73
C GLU A 235 -22.00 -3.26 10.40
N ILE A 236 -20.94 -3.28 11.22
CA ILE A 236 -20.48 -4.50 11.88
C ILE A 236 -21.51 -5.02 12.88
N SER A 237 -21.91 -4.19 13.86
CA SER A 237 -22.88 -4.52 14.89
C SER A 237 -24.27 -4.77 14.33
N CYS A 238 -24.63 -4.06 13.23
CA CYS A 238 -25.94 -4.19 12.60
C CYS A 238 -26.07 -5.54 11.89
N ARG A 239 -25.02 -5.93 11.12
CA ARG A 239 -24.92 -7.21 10.43
C ARG A 239 -24.95 -8.29 11.50
N ALA A 240 -24.25 -8.08 12.64
CA ALA A 240 -24.18 -9.01 13.75
C ALA A 240 -25.56 -9.39 14.28
N ARG A 241 -26.46 -8.39 14.46
CA ARG A 241 -27.83 -8.59 14.92
C ARG A 241 -28.69 -9.26 13.84
N VAL A 242 -28.63 -8.77 12.56
CA VAL A 242 -29.44 -9.33 11.47
C VAL A 242 -29.21 -10.84 11.31
N HIS A 243 -27.95 -11.27 11.15
CA HIS A 243 -27.58 -12.69 11.01
C HIS A 243 -27.87 -13.55 12.23
N GLN A 244 -27.97 -12.93 13.42
CA GLN A 244 -28.35 -13.61 14.66
C GLN A 244 -29.87 -13.85 14.57
N LEU A 245 -30.62 -12.78 14.21
CA LEU A 245 -32.08 -12.79 14.07
C LEU A 245 -32.53 -13.77 13.02
N LEU A 246 -31.85 -13.81 11.87
CA LEU A 246 -32.13 -14.73 10.77
C LEU A 246 -31.88 -16.21 11.13
N ASP A 247 -30.99 -16.46 12.11
CA ASP A 247 -30.66 -17.79 12.64
C ASP A 247 -31.70 -18.23 13.65
N GLN A 248 -32.03 -17.35 14.63
CA GLN A 248 -33.04 -17.66 15.64
C GLN A 248 -34.46 -17.81 15.07
N LEU A 249 -34.75 -17.14 13.95
CA LEU A 249 -36.03 -17.27 13.25
C LEU A 249 -35.97 -18.49 12.32
N GLY A 250 -34.78 -18.80 11.82
CA GLY A 250 -34.53 -19.91 10.90
C GLY A 250 -35.10 -19.69 9.51
N SER A 251 -35.14 -20.77 8.69
CA SER A 251 -35.71 -20.74 7.33
C SER A 251 -37.01 -21.53 7.27
N VAL A 252 -38.06 -20.91 6.69
CA VAL A 252 -39.41 -21.46 6.61
C VAL A 252 -39.86 -21.69 5.16
N GLU A 253 -40.27 -22.92 4.86
CA GLU A 253 -40.84 -23.33 3.58
C GLU A 253 -42.35 -22.98 3.71
N PRO A 254 -42.93 -22.06 2.93
CA PRO A 254 -44.36 -21.70 3.16
C PRO A 254 -45.47 -22.75 2.87
N ASP A 255 -46.45 -22.85 3.82
CA ASP A 255 -47.62 -23.74 3.87
C ASP A 255 -48.84 -23.11 4.62
N SER B 6 39.45 26.28 -27.87
CA SER B 6 40.13 27.33 -27.10
C SER B 6 39.29 27.80 -25.89
N ASP B 7 38.90 29.10 -25.85
CA ASP B 7 38.12 29.75 -24.78
C ASP B 7 36.84 28.99 -24.34
N PRO B 8 36.70 28.65 -23.03
CA PRO B 8 35.48 27.94 -22.59
C PRO B 8 34.30 28.86 -22.21
N ILE B 9 34.57 30.19 -22.02
CA ILE B 9 33.58 31.21 -21.61
C ILE B 9 32.60 31.56 -22.73
N ARG B 10 33.09 32.14 -23.86
CA ARG B 10 32.27 32.53 -25.01
C ARG B 10 31.22 31.46 -25.42
N PRO B 11 31.60 30.17 -25.69
CA PRO B 11 30.57 29.18 -26.08
C PRO B 11 29.57 28.88 -25.00
N LEU B 12 30.00 28.84 -23.72
CA LEU B 12 29.11 28.60 -22.58
C LEU B 12 28.06 29.71 -22.48
N VAL B 13 28.47 30.99 -22.62
CA VAL B 13 27.58 32.17 -22.64
C VAL B 13 26.52 32.01 -23.76
N GLU B 14 26.99 31.76 -25.01
CA GLU B 14 26.14 31.58 -26.20
C GLU B 14 25.13 30.47 -25.96
N ALA B 15 25.58 29.36 -25.32
CA ALA B 15 24.77 28.19 -24.98
C ALA B 15 23.70 28.50 -23.96
N LEU B 16 24.05 29.19 -22.86
CA LEU B 16 23.11 29.59 -21.81
C LEU B 16 22.08 30.57 -22.36
N ASN B 17 22.54 31.57 -23.15
CA ASN B 17 21.68 32.56 -23.79
C ASN B 17 20.70 31.93 -24.76
N ALA B 18 21.13 30.86 -25.43
CA ALA B 18 20.30 30.11 -26.36
C ALA B 18 19.14 29.44 -25.66
N GLU B 19 19.33 28.86 -24.44
CA GLU B 19 18.22 28.22 -23.69
C GLU B 19 17.29 29.25 -23.04
N ALA B 20 17.84 30.31 -22.47
CA ALA B 20 17.10 31.41 -21.85
C ALA B 20 18.08 32.57 -21.74
N PRO B 21 17.80 33.73 -22.38
CA PRO B 21 18.74 34.87 -22.28
C PRO B 21 19.13 35.23 -20.85
N LEU B 22 20.44 35.41 -20.63
CA LEU B 22 21.01 35.73 -19.32
C LEU B 22 20.74 37.19 -18.99
N LYS B 23 20.09 37.41 -17.82
CA LYS B 23 19.76 38.72 -17.25
C LYS B 23 20.95 39.11 -16.38
N LEU B 24 21.68 40.18 -16.75
CA LEU B 24 22.88 40.58 -16.03
C LEU B 24 22.67 40.80 -14.55
N TRP B 25 21.57 41.48 -14.16
CA TRP B 25 21.29 41.73 -12.74
C TRP B 25 21.28 40.44 -11.94
N SER B 26 20.71 39.36 -12.50
CA SER B 26 20.64 38.07 -11.82
C SER B 26 22.00 37.40 -11.74
N VAL B 27 22.81 37.48 -12.84
CA VAL B 27 24.18 36.95 -12.88
C VAL B 27 24.99 37.62 -11.76
N LEU B 28 24.78 38.94 -11.56
CA LEU B 28 25.45 39.71 -10.52
C LEU B 28 25.04 39.25 -9.12
N VAL B 29 23.72 38.94 -8.93
CA VAL B 29 23.17 38.45 -7.66
C VAL B 29 23.81 37.09 -7.31
N THR B 30 24.02 36.22 -8.34
CA THR B 30 24.67 34.91 -8.18
C THR B 30 26.12 35.12 -7.74
N CYS B 31 26.83 35.99 -8.46
CA CYS B 31 28.22 36.34 -8.22
C CYS B 31 28.46 36.85 -6.80
N LEU B 32 27.74 37.91 -6.41
CA LEU B 32 27.83 38.49 -5.09
C LEU B 32 27.46 37.51 -3.98
N GLY B 33 26.41 36.71 -4.21
CA GLY B 33 25.97 35.67 -3.26
C GLY B 33 27.02 34.61 -3.04
N ASP B 34 27.66 34.15 -4.14
CA ASP B 34 28.70 33.13 -4.09
C ASP B 34 29.94 33.57 -3.33
N VAL B 35 30.40 34.82 -3.57
CA VAL B 35 31.60 35.34 -2.90
C VAL B 35 31.38 35.56 -1.40
N SER B 36 30.14 35.98 -1.02
CA SER B 36 29.73 36.25 0.36
C SER B 36 29.67 34.97 1.18
N ARG B 37 29.41 33.86 0.50
CA ARG B 37 29.35 32.50 1.05
C ARG B 37 30.74 32.08 1.57
N ASP B 38 31.80 32.41 0.79
CA ASP B 38 33.18 32.07 1.15
C ASP B 38 34.11 33.19 1.69
N GLY B 39 33.54 34.25 2.29
CA GLY B 39 34.31 35.29 2.97
C GLY B 39 34.42 36.70 2.39
N VAL B 40 34.45 36.81 1.04
CA VAL B 40 34.54 38.10 0.33
C VAL B 40 33.20 38.80 0.53
N ILE B 41 33.10 39.63 1.57
CA ILE B 41 31.88 40.35 1.90
C ILE B 41 31.47 41.32 0.77
N GLU B 42 32.46 42.02 0.14
CA GLU B 42 32.23 42.95 -0.97
C GLU B 42 33.28 42.93 -2.06
N VAL B 43 32.84 43.11 -3.32
CA VAL B 43 33.66 43.11 -4.54
C VAL B 43 33.79 44.53 -5.07
N SER B 44 35.02 44.91 -5.52
CA SER B 44 35.27 46.24 -6.11
C SER B 44 34.58 46.33 -7.46
N GLY B 45 34.19 47.55 -7.85
CA GLY B 45 33.53 47.83 -9.12
C GLY B 45 34.38 47.49 -10.33
N VAL B 46 35.71 47.69 -10.22
CA VAL B 46 36.68 47.39 -11.28
C VAL B 46 36.88 45.87 -11.47
N ALA B 47 36.88 45.11 -10.36
CA ALA B 47 37.01 43.65 -10.35
C ALA B 47 35.73 43.05 -10.93
N LEU B 48 34.58 43.65 -10.60
CA LEU B 48 33.27 43.26 -11.08
C LEU B 48 33.17 43.56 -12.58
N SER B 49 33.74 44.71 -13.01
CA SER B 49 33.76 45.18 -14.40
C SER B 49 34.56 44.27 -15.32
N SER B 50 35.68 43.71 -14.82
CA SER B 50 36.53 42.81 -15.59
C SER B 50 35.82 41.46 -15.82
N PHE B 51 34.98 41.04 -14.85
CA PHE B 51 34.17 39.84 -14.93
C PHE B 51 33.10 40.03 -16.02
N VAL B 52 32.38 41.18 -15.98
CA VAL B 52 31.34 41.55 -16.95
C VAL B 52 31.92 41.65 -18.38
N GLU B 53 33.15 42.18 -18.52
CA GLU B 53 33.85 42.28 -19.81
C GLU B 53 34.26 40.89 -20.36
N ARG B 54 34.83 39.97 -19.51
CA ARG B 54 35.28 38.61 -19.87
C ARG B 54 34.11 37.74 -20.36
N GLY B 56 31.75 39.07 -22.22
CA GLY B 56 31.47 39.61 -23.55
C GLY B 56 30.57 40.83 -23.50
N LEU B 57 30.30 41.35 -22.29
CA LEU B 57 29.42 42.50 -22.08
C LEU B 57 30.12 43.83 -21.84
N GLN B 58 29.34 44.91 -21.91
CA GLN B 58 29.80 46.30 -21.74
C GLN B 58 29.79 46.75 -20.27
N PRO B 59 30.74 47.62 -19.82
CA PRO B 59 30.70 48.11 -18.43
C PRO B 59 29.46 48.97 -18.14
N GLN B 60 28.88 49.58 -19.20
CA GLN B 60 27.64 50.38 -19.18
C GLN B 60 26.48 49.50 -18.70
N ALA B 61 26.39 48.25 -19.23
CA ALA B 61 25.39 47.25 -18.86
C ALA B 61 25.47 46.89 -17.38
N ARG B 63 26.58 48.95 -14.97
CA ARG B 63 26.13 50.13 -14.24
C ARG B 63 24.59 50.14 -14.16
N VAL B 64 23.89 49.88 -15.29
CA VAL B 64 22.42 49.84 -15.33
C VAL B 64 21.86 48.70 -14.47
N ALA B 65 22.60 47.57 -14.40
CA ALA B 65 22.26 46.40 -13.60
C ALA B 65 22.44 46.72 -12.11
N LEU B 66 23.54 47.42 -11.75
CA LEU B 66 23.79 47.83 -10.37
C LEU B 66 22.78 48.90 -9.92
N HIS B 67 22.34 49.79 -10.83
CA HIS B 67 21.32 50.80 -10.49
C HIS B 67 19.99 50.12 -10.21
N ARG B 68 19.58 49.16 -11.05
CA ARG B 68 18.34 48.39 -10.88
C ARG B 68 18.38 47.72 -9.50
N LEU B 69 19.46 46.97 -9.20
CA LEU B 69 19.65 46.24 -7.94
C LEU B 69 19.74 47.13 -6.70
N LYS B 70 20.27 48.37 -6.84
CA LYS B 70 20.40 49.32 -5.74
C LYS B 70 19.01 49.74 -5.29
N ARG B 71 18.22 50.37 -6.21
CA ARG B 71 16.87 50.86 -5.94
C ARG B 71 15.91 49.80 -5.43
N ASP B 72 16.05 48.56 -5.92
CA ASP B 72 15.24 47.40 -5.55
C ASP B 72 15.69 46.70 -4.24
N GLY B 73 16.68 47.28 -3.55
CA GLY B 73 17.20 46.79 -2.29
C GLY B 73 17.85 45.41 -2.31
N TRP B 74 18.46 45.03 -3.44
CA TRP B 74 19.16 43.75 -3.57
C TRP B 74 20.65 43.93 -3.29
N VAL B 75 21.20 45.10 -3.68
CA VAL B 75 22.60 45.43 -3.53
C VAL B 75 22.81 46.73 -2.73
N GLU B 76 23.93 46.81 -2.00
CA GLU B 76 24.36 47.97 -1.22
C GLU B 76 25.74 48.44 -1.75
N SER B 77 25.97 49.76 -1.78
CA SER B 77 27.21 50.33 -2.32
C SER B 77 27.95 51.35 -1.45
N ARG B 78 29.28 51.20 -1.40
CA ARG B 78 30.27 51.99 -0.67
C ARG B 78 31.14 52.72 -1.71
N ARG B 79 31.66 53.92 -1.37
CA ARG B 79 32.52 54.67 -2.27
C ARG B 79 33.73 55.17 -1.49
N LEU B 80 34.78 54.31 -1.39
CA LEU B 80 36.00 54.60 -0.63
C LEU B 80 37.01 55.18 -1.60
N GLY B 81 37.00 56.51 -1.69
CA GLY B 81 37.84 57.25 -2.63
C GLY B 81 37.24 57.14 -4.02
N ARG B 82 38.05 56.67 -4.98
CA ARG B 82 37.63 56.52 -6.38
C ARG B 82 37.05 55.12 -6.67
N VAL B 83 37.15 54.20 -5.69
CA VAL B 83 36.71 52.81 -5.83
C VAL B 83 35.33 52.59 -5.23
N GLY B 84 34.49 51.89 -5.96
CA GLY B 84 33.15 51.51 -5.52
C GLY B 84 33.15 50.08 -5.04
N PHE B 85 32.46 49.79 -3.91
CA PHE B 85 32.35 48.43 -3.35
C PHE B 85 30.90 48.01 -3.19
N HIS B 86 30.56 46.92 -3.86
CA HIS B 86 29.21 46.36 -3.94
C HIS B 86 29.12 45.03 -3.21
N ARG B 87 27.97 44.79 -2.56
CA ARG B 87 27.67 43.57 -1.80
C ARG B 87 26.16 43.34 -1.78
N LEU B 88 25.71 42.10 -1.53
CA LEU B 88 24.26 41.88 -1.40
C LEU B 88 23.78 42.54 -0.11
N SER B 89 22.58 43.11 -0.13
CA SER B 89 21.97 43.74 1.04
C SER B 89 21.60 42.63 2.03
N ASP B 90 21.40 42.99 3.31
CA ASP B 90 21.06 42.06 4.39
C ASP B 90 19.84 41.18 4.07
N SER B 91 18.78 41.74 3.45
CA SER B 91 17.59 40.98 3.06
C SER B 91 17.91 40.04 1.88
N ALA B 92 18.81 40.47 0.95
CA ALA B 92 19.22 39.60 -0.16
C ALA B 92 20.06 38.44 0.37
N LEU B 93 20.96 38.69 1.35
CA LEU B 93 21.80 37.64 1.93
C LEU B 93 21.00 36.57 2.66
N THR B 94 20.05 36.97 3.53
CA THR B 94 19.22 36.02 4.28
C THR B 94 18.34 35.18 3.35
N GLN B 95 17.85 35.77 2.24
CA GLN B 95 17.05 35.10 1.21
C GLN B 95 17.92 34.08 0.44
N THR B 96 19.19 34.45 0.17
CA THR B 96 20.23 33.68 -0.52
C THR B 96 20.64 32.47 0.35
N ARG B 97 20.78 32.72 1.65
CA ARG B 97 21.21 31.73 2.63
C ARG B 97 20.13 30.67 2.84
N ALA B 98 18.85 31.07 2.67
CA ALA B 98 17.67 30.21 2.79
C ALA B 98 17.60 29.13 1.70
N VAL B 99 18.31 29.33 0.59
CA VAL B 99 18.34 28.41 -0.54
C VAL B 99 19.72 27.75 -0.76
N ALA B 100 20.68 28.02 0.14
CA ALA B 100 22.03 27.46 0.08
C ALA B 100 22.05 25.93 -0.12
N GLY B 101 21.27 25.19 0.70
CA GLY B 101 21.18 23.73 0.65
C GLY B 101 20.62 23.19 -0.64
N ARG B 102 19.65 23.92 -1.22
CA ARG B 102 19.00 23.59 -2.48
C ARG B 102 20.01 23.68 -3.63
N ILE B 103 20.87 24.75 -3.62
CA ILE B 103 21.90 25.07 -4.64
C ILE B 103 23.22 24.31 -4.42
N TYR B 104 23.87 24.54 -3.30
CA TYR B 104 25.18 23.96 -2.99
C TYR B 104 25.16 22.56 -2.35
N GLY B 105 24.06 22.21 -1.67
CA GLY B 105 23.86 20.95 -0.96
C GLY B 105 23.95 19.68 -1.79
N PRO B 106 24.05 18.49 -1.12
CA PRO B 106 24.19 17.24 -1.89
C PRO B 106 22.93 16.74 -2.60
N GLY B 107 21.79 17.36 -2.30
CA GLY B 107 20.53 16.99 -2.92
C GLY B 107 19.73 16.02 -2.09
N ALA B 108 18.43 15.91 -2.38
CA ALA B 108 17.52 15.07 -1.62
C ALA B 108 17.60 13.57 -1.88
N GLY B 109 18.32 13.20 -2.94
CA GLY B 109 18.48 11.81 -3.35
C GLY B 109 17.15 11.12 -3.58
N PRO B 110 16.95 9.88 -3.08
CA PRO B 110 15.65 9.24 -3.24
C PRO B 110 14.80 9.67 -2.04
N ALA B 111 14.26 10.89 -2.15
CA ALA B 111 13.43 11.49 -1.13
C ALA B 111 12.01 11.02 -1.37
N PRO B 112 11.24 10.74 -0.29
CA PRO B 112 9.88 10.25 -0.48
C PRO B 112 8.87 11.34 -0.81
N TRP B 113 7.83 10.93 -1.51
CA TRP B 113 6.71 11.77 -1.85
C TRP B 113 5.40 11.20 -1.24
N HIS B 114 4.39 12.06 -1.17
CA HIS B 114 3.07 11.75 -0.67
C HIS B 114 2.06 12.52 -1.52
N LEU B 115 0.77 12.17 -1.40
CA LEU B 115 -0.28 12.88 -2.11
C LEU B 115 -1.17 13.58 -1.08
N ALA B 116 -1.43 14.87 -1.32
CA ALA B 116 -2.21 15.69 -0.41
C ALA B 116 -3.42 16.25 -1.08
N GLY B 117 -4.58 16.06 -0.44
CA GLY B 117 -5.86 16.53 -0.93
C GLY B 117 -6.40 17.60 -0.04
N PRO B 119 -9.12 20.45 1.55
CA PRO B 119 -10.58 20.48 1.82
C PRO B 119 -11.41 21.21 0.74
N PRO B 120 -12.74 20.93 0.64
CA PRO B 120 -13.55 21.58 -0.42
C PRO B 120 -13.70 23.08 -0.30
N ASP B 121 -13.77 23.58 0.94
CA ASP B 121 -13.92 24.99 1.28
C ASP B 121 -12.70 25.86 0.91
N ALA B 122 -11.46 25.29 0.95
CA ALA B 122 -10.19 25.97 0.65
C ALA B 122 -9.80 25.92 -0.83
N PRO B 123 -10.01 27.03 -1.58
CA PRO B 123 -9.65 27.01 -3.01
C PRO B 123 -8.15 27.17 -3.26
N ASP B 124 -7.51 28.15 -2.58
CA ASP B 124 -6.08 28.39 -2.68
C ASP B 124 -5.37 27.65 -1.55
N GLY B 125 -5.64 26.34 -1.45
CA GLY B 125 -5.07 25.46 -0.43
C GLY B 125 -3.56 25.43 -0.42
N LEU B 126 -2.93 25.46 -1.61
CA LEU B 126 -1.48 25.45 -1.76
C LEU B 126 -0.76 26.60 -1.05
N SER B 127 -1.44 27.76 -0.90
CA SER B 127 -0.89 28.92 -0.18
C SER B 127 -0.83 28.64 1.32
N LEU B 128 -1.80 27.86 1.84
CA LEU B 128 -1.89 27.43 3.25
C LEU B 128 -0.76 26.46 3.62
N LEU B 129 -0.02 25.91 2.62
CA LEU B 129 1.09 24.97 2.85
C LEU B 129 2.39 25.68 3.20
N PRO B 130 3.00 25.32 4.36
CA PRO B 130 4.29 25.93 4.77
C PRO B 130 5.42 25.90 3.74
N ASP B 131 6.41 26.78 3.91
CA ASP B 131 7.63 26.92 3.08
C ASP B 131 8.53 25.67 3.13
N THR B 132 8.38 24.85 4.19
CA THR B 132 9.10 23.60 4.48
C THR B 132 8.61 22.45 3.59
N LEU B 133 7.39 22.60 3.05
CA LEU B 133 6.75 21.65 2.15
C LEU B 133 6.84 22.13 0.71
N SER B 134 7.11 21.20 -0.22
CA SER B 134 7.14 21.47 -1.65
C SER B 134 5.92 20.74 -2.22
N ALA B 135 5.15 21.42 -3.09
CA ALA B 135 3.93 20.86 -3.69
C ALA B 135 3.78 21.08 -5.17
N THR B 136 3.51 19.99 -5.89
CA THR B 136 3.23 19.99 -7.33
C THR B 136 1.79 19.52 -7.61
N PRO B 137 0.87 20.45 -8.02
CA PRO B 137 -0.50 20.03 -8.30
C PRO B 137 -0.59 19.06 -9.47
N ILE B 138 -1.48 18.06 -9.35
CA ILE B 138 -1.74 17.05 -10.38
C ILE B 138 -3.24 17.07 -10.74
N SER B 139 -4.03 17.77 -9.92
CA SER B 139 -5.46 18.05 -10.06
C SER B 139 -5.76 19.39 -9.33
N ARG B 140 -7.02 19.89 -9.38
CA ARG B 140 -7.45 21.14 -8.73
CA ARG B 140 -7.44 21.14 -8.74
C ARG B 140 -7.27 21.11 -7.21
N ARG B 141 -7.47 19.94 -6.58
CA ARG B 141 -7.39 19.77 -5.13
C ARG B 141 -6.28 18.86 -4.63
N PHE B 142 -5.67 18.11 -5.56
CA PHE B 142 -4.59 17.19 -5.20
C PHE B 142 -3.24 17.59 -5.75
N ALA B 143 -2.22 17.41 -4.91
CA ALA B 143 -0.84 17.73 -5.23
C ALA B 143 0.12 16.70 -4.66
N LEU B 144 1.26 16.49 -5.34
CA LEU B 144 2.31 15.63 -4.86
C LEU B 144 3.13 16.50 -3.91
N ILE B 145 3.37 16.01 -2.68
CA ILE B 145 4.08 16.77 -1.65
C ILE B 145 5.42 16.18 -1.21
N CYS B 146 6.23 17.02 -0.63
CA CYS B 146 7.59 16.77 -0.19
C CYS B 146 7.84 17.49 1.14
N GLY B 147 8.65 16.90 2.03
CA GLY B 147 9.00 17.54 3.28
C GLY B 147 8.38 16.99 4.55
N PRO B 148 8.54 17.72 5.68
CA PRO B 148 8.02 17.21 6.96
C PRO B 148 6.50 17.06 6.96
N LEU B 149 6.04 15.80 7.15
CA LEU B 149 4.60 15.48 7.15
C LEU B 149 3.88 16.09 8.32
N GLU B 150 4.60 16.45 9.37
CA GLU B 150 4.04 17.07 10.55
C GLU B 150 3.51 18.48 10.19
N ASP B 151 4.07 19.09 9.10
CA ASP B 151 3.70 20.41 8.60
C ASP B 151 2.49 20.36 7.64
N VAL B 152 2.00 19.13 7.31
CA VAL B 152 0.83 18.96 6.46
C VAL B 152 -0.38 19.17 7.37
N PRO B 153 -1.22 20.21 7.11
CA PRO B 153 -2.37 20.45 7.99
C PRO B 153 -3.32 19.24 8.14
N GLU B 154 -3.91 19.11 9.35
CA GLU B 154 -4.77 18.00 9.72
C GLU B 154 -6.05 17.89 8.90
N ASP B 155 -6.43 18.98 8.21
CA ASP B 155 -7.64 19.02 7.39
C ASP B 155 -7.38 18.66 5.91
N TRP B 156 -6.18 18.11 5.64
CA TRP B 156 -5.80 17.65 4.31
C TRP B 156 -5.78 16.14 4.31
N LEU B 157 -6.14 15.51 3.17
CA LEU B 157 -6.13 14.07 3.07
C LEU B 157 -4.76 13.61 2.62
N LEU B 158 -4.04 13.00 3.55
CA LEU B 158 -2.69 12.53 3.28
C LEU B 158 -2.70 11.06 2.93
N THR B 159 -2.20 10.78 1.74
CA THR B 159 -2.15 9.46 1.15
C THR B 159 -0.72 9.13 0.61
N ALA B 160 -0.28 7.86 0.77
CA ALA B 160 1.10 7.42 0.46
C ALA B 160 1.22 6.62 -0.84
N PRO B 161 2.43 6.50 -1.45
CA PRO B 161 2.55 5.66 -2.66
C PRO B 161 2.23 4.18 -2.45
N SER B 162 1.53 3.57 -3.43
CA SER B 162 1.24 2.12 -3.43
C SER B 162 2.38 1.45 -4.20
N GLY B 163 2.47 0.13 -4.18
CA GLY B 163 3.53 -0.56 -4.93
C GLY B 163 3.52 -0.32 -6.43
N ARG B 164 2.36 0.11 -6.97
CA ARG B 164 2.09 0.48 -8.36
C ARG B 164 2.91 1.73 -8.73
N GLY B 165 3.25 1.86 -10.02
CA GLY B 165 3.98 3.01 -10.52
C GLY B 165 3.11 4.25 -10.61
N LEU B 166 3.52 5.21 -11.43
CA LEU B 166 2.74 6.42 -11.66
C LEU B 166 2.07 6.29 -13.02
N PRO B 167 0.77 6.68 -13.15
CA PRO B 167 0.15 6.63 -14.49
C PRO B 167 0.84 7.65 -15.39
N VAL B 168 0.84 7.42 -16.70
CA VAL B 168 1.49 8.31 -17.67
C VAL B 168 1.12 9.78 -17.49
N TRP B 169 -0.17 10.08 -17.20
CA TRP B 169 -0.61 11.46 -16.98
C TRP B 169 0.12 12.17 -15.81
N VAL B 170 0.50 11.40 -14.76
CA VAL B 170 1.27 11.90 -13.63
C VAL B 170 2.72 12.08 -14.07
N GLN B 171 3.31 11.05 -14.76
CA GLN B 171 4.70 11.15 -15.25
C GLN B 171 4.88 12.39 -16.13
N ASP B 172 3.88 12.73 -16.95
CA ASP B 172 3.91 13.90 -17.84
C ASP B 172 4.06 15.20 -17.03
N VAL B 173 3.34 15.33 -15.90
CA VAL B 173 3.43 16.49 -15.02
C VAL B 173 4.82 16.61 -14.41
N VAL B 174 5.29 15.56 -13.72
CA VAL B 174 6.58 15.53 -13.05
C VAL B 174 7.78 15.70 -13.97
N VAL B 175 7.72 15.15 -15.22
CA VAL B 175 8.80 15.31 -16.21
C VAL B 175 8.97 16.82 -16.47
N GLU B 176 7.83 17.56 -16.67
CA GLU B 176 7.80 19.00 -16.90
C GLU B 176 8.21 19.80 -15.65
N ALA B 177 7.43 19.67 -14.57
CA ALA B 177 7.64 20.37 -13.28
C ALA B 177 9.02 20.14 -12.68
N GLY B 178 9.57 18.94 -12.84
CA GLY B 178 10.86 18.53 -12.32
C GLY B 178 12.00 18.62 -13.32
N CYS B 179 11.82 19.52 -14.32
CA CYS B 179 12.73 19.98 -15.41
C CYS B 179 13.63 18.91 -16.04
N GLU B 180 13.10 17.70 -16.14
CA GLU B 180 13.78 16.53 -16.67
C GLU B 180 14.62 16.86 -17.91
N ALA B 181 14.00 17.46 -18.94
CA ALA B 181 14.67 17.87 -20.19
C ALA B 181 15.65 19.04 -20.02
N GLU B 182 15.28 20.02 -19.18
CA GLU B 182 16.07 21.22 -18.90
C GLU B 182 17.38 20.87 -18.15
N PHE B 183 17.33 19.82 -17.29
CA PHE B 183 18.48 19.30 -16.58
C PHE B 183 19.40 18.51 -17.52
N LYS B 184 18.81 17.76 -18.50
CA LYS B 184 19.49 16.96 -19.53
C LYS B 184 20.35 17.90 -20.42
N ALA B 185 19.72 19.02 -20.89
CA ALA B 185 20.33 20.01 -21.79
C ALA B 185 21.49 20.72 -21.11
N LEU B 186 21.28 21.20 -19.87
CA LEU B 186 22.31 21.89 -19.10
C LEU B 186 23.49 20.96 -18.82
N GLU B 187 23.24 19.66 -18.54
CA GLU B 187 24.33 18.72 -18.30
C GLU B 187 25.18 18.49 -19.57
N ARG B 188 24.51 18.33 -20.75
CA ARG B 188 25.16 18.21 -22.06
C ARG B 188 25.92 19.50 -22.39
N THR B 189 25.31 20.69 -22.14
CA THR B 189 25.95 21.99 -22.32
C THR B 189 27.27 22.00 -21.51
N LEU B 190 27.23 21.48 -20.25
CA LEU B 190 28.38 21.43 -19.32
C LEU B 190 29.48 20.45 -19.72
N ALA B 191 29.17 19.47 -20.59
CA ALA B 191 30.14 18.47 -21.05
C ALA B 191 31.27 19.11 -21.87
N GLN B 192 31.00 20.26 -22.51
CA GLN B 192 31.94 21.04 -23.32
C GLN B 192 33.15 21.52 -22.48
N ILE B 193 32.96 21.71 -21.14
CA ILE B 193 33.99 22.16 -20.20
C ILE B 193 35.00 21.02 -19.95
N ASP B 194 36.01 20.98 -20.84
CA ASP B 194 37.09 20.01 -20.92
C ASP B 194 38.16 20.23 -19.86
N LYS B 195 38.84 21.39 -19.89
CA LYS B 195 39.88 21.66 -18.90
C LYS B 195 39.66 22.94 -18.13
N VAL B 196 40.22 23.00 -16.92
CA VAL B 196 40.18 24.14 -16.00
C VAL B 196 41.08 25.25 -16.59
N PRO B 197 40.59 26.50 -16.75
CA PRO B 197 41.46 27.54 -17.30
C PRO B 197 42.55 27.98 -16.32
N ASP B 198 43.68 28.46 -16.88
CA ASP B 198 44.87 28.89 -16.14
C ASP B 198 44.63 30.17 -15.33
N THR B 199 44.07 31.22 -15.99
CA THR B 199 43.76 32.54 -15.40
C THR B 199 42.82 32.42 -14.20
N ARG B 200 43.06 33.28 -13.19
CA ARG B 200 42.24 33.42 -11.99
C ARG B 200 40.89 34.00 -12.41
N LEU B 201 40.92 34.98 -13.36
CA LEU B 201 39.72 35.62 -13.90
C LEU B 201 38.84 34.62 -14.68
N GLU B 202 39.46 33.82 -15.58
CA GLU B 202 38.74 32.80 -16.35
C GLU B 202 38.04 31.81 -15.41
N ARG B 203 38.79 31.28 -14.40
CA ARG B 203 38.34 30.35 -13.35
C ARG B 203 37.14 30.94 -12.61
N PHE B 204 37.20 32.26 -12.32
CA PHE B 204 36.15 33.00 -11.64
C PHE B 204 34.89 33.14 -12.51
N THR B 205 35.05 33.65 -13.77
CA THR B 205 33.96 33.84 -14.74
C THR B 205 33.25 32.54 -15.07
N LEU B 206 34.01 31.44 -15.21
CA LEU B 206 33.44 30.12 -15.52
C LEU B 206 32.62 29.61 -14.35
N ARG B 207 33.14 29.74 -13.10
CA ARG B 207 32.46 29.34 -11.87
C ARG B 207 31.12 30.05 -11.73
N VAL B 208 31.11 31.40 -11.87
CA VAL B 208 29.88 32.20 -11.78
C VAL B 208 28.87 31.78 -12.85
N LEU B 209 29.33 31.52 -14.10
CA LEU B 209 28.45 31.08 -15.18
C LEU B 209 27.81 29.71 -14.93
N VAL B 210 28.63 28.70 -14.54
CA VAL B 210 28.18 27.35 -14.20
C VAL B 210 27.22 27.41 -13.01
N LEU B 211 27.56 28.23 -12.00
CA LEU B 211 26.71 28.40 -10.83
C LEU B 211 25.39 29.11 -11.15
N HIS B 212 25.40 30.16 -11.97
CA HIS B 212 24.18 30.89 -12.34
C HIS B 212 23.20 29.99 -13.11
N ALA B 213 23.72 29.27 -14.12
CA ALA B 213 22.95 28.35 -14.95
C ALA B 213 22.21 27.32 -14.10
N TRP B 214 22.91 26.82 -13.05
CA TRP B 214 22.43 25.87 -12.08
C TRP B 214 21.41 26.53 -11.17
N ARG B 215 21.79 27.67 -10.53
CA ARG B 215 20.93 28.43 -9.63
C ARG B 215 19.57 28.69 -10.26
N ARG B 216 19.54 29.31 -11.46
CA ARG B 216 18.27 29.60 -12.13
C ARG B 216 17.40 28.38 -12.30
N LEU B 217 17.96 27.28 -12.83
CA LEU B 217 17.21 26.03 -13.05
C LEU B 217 16.81 25.30 -11.74
N ILE B 218 17.69 25.36 -10.71
CA ILE B 218 17.37 24.67 -9.46
C ILE B 218 16.22 25.28 -8.67
N LEU B 219 16.25 26.62 -8.49
CA LEU B 219 15.21 27.36 -7.77
C LEU B 219 13.87 27.41 -8.53
N ARG B 220 13.88 26.95 -9.81
CA ARG B 220 12.71 26.87 -10.68
C ARG B 220 12.05 25.47 -10.62
N SER B 221 12.87 24.38 -10.54
CA SER B 221 12.44 22.98 -10.49
C SER B 221 11.74 22.66 -9.16
N SER B 222 10.67 21.82 -9.20
CA SER B 222 9.93 21.45 -7.98
C SER B 222 10.49 20.25 -7.20
N PRO B 223 10.99 20.45 -5.97
CA PRO B 223 11.51 19.31 -5.18
C PRO B 223 10.54 18.13 -5.06
N ALA B 224 9.22 18.40 -4.97
CA ALA B 224 8.21 17.34 -4.94
C ALA B 224 8.17 16.59 -6.30
N ALA B 225 8.05 17.33 -7.44
CA ALA B 225 8.07 16.76 -8.81
C ALA B 225 9.26 15.82 -9.00
N GLU B 226 10.46 16.28 -8.59
CA GLU B 226 11.72 15.56 -8.62
C GLU B 226 11.62 14.30 -7.77
N ALA B 227 11.03 14.41 -6.57
CA ALA B 227 10.94 13.25 -5.66
C ALA B 227 10.12 12.14 -6.31
N ALA B 228 9.07 12.52 -7.06
CA ALA B 228 8.22 11.59 -7.81
C ALA B 228 8.93 10.99 -9.02
N LEU B 229 9.89 11.74 -9.63
CA LEU B 229 10.69 11.31 -10.80
C LEU B 229 11.64 10.14 -10.50
N GLY B 230 12.12 10.08 -9.25
CA GLY B 230 12.97 9.01 -8.75
C GLY B 230 14.45 9.30 -8.68
N GLY B 231 15.21 8.23 -8.47
CA GLY B 231 16.66 8.26 -8.40
C GLY B 231 17.37 8.34 -9.74
N ALA B 232 16.64 8.06 -10.85
CA ALA B 232 17.17 8.10 -12.19
C ALA B 232 16.90 9.46 -12.84
N ARG B 233 16.34 10.40 -12.06
CA ARG B 233 16.04 11.74 -12.54
C ARG B 233 17.31 12.51 -12.95
N ALA B 234 17.11 13.51 -13.82
CA ALA B 234 18.18 14.33 -14.37
C ALA B 234 18.80 15.30 -13.37
N GLU B 235 18.02 15.80 -12.35
CA GLU B 235 18.54 16.76 -11.36
C GLU B 235 19.72 16.23 -10.59
N ILE B 236 19.79 14.88 -10.41
CA ILE B 236 20.83 14.16 -9.65
C ILE B 236 22.21 14.26 -10.32
N SER B 237 22.27 13.77 -11.59
CA SER B 237 23.49 13.70 -12.39
C SER B 237 23.97 15.10 -12.76
N CYS B 238 23.01 15.99 -13.09
CA CYS B 238 23.29 17.38 -13.42
C CYS B 238 23.89 18.08 -12.18
N ARG B 239 23.34 17.81 -10.97
CA ARG B 239 23.83 18.33 -9.71
C ARG B 239 25.28 17.90 -9.48
N ALA B 240 25.59 16.59 -9.67
CA ALA B 240 26.93 16.04 -9.48
C ALA B 240 27.93 16.73 -10.40
N ARG B 241 27.55 16.97 -11.68
CA ARG B 241 28.38 17.68 -12.67
C ARG B 241 28.70 19.15 -12.23
N VAL B 242 27.65 19.92 -11.85
CA VAL B 242 27.79 21.30 -11.39
C VAL B 242 28.77 21.33 -10.17
N HIS B 243 28.54 20.40 -9.18
CA HIS B 243 29.38 20.35 -8.00
CA HIS B 243 29.37 20.24 -7.97
C HIS B 243 30.81 19.93 -8.37
N GLN B 244 30.99 18.92 -9.26
CA GLN B 244 32.30 18.49 -9.74
C GLN B 244 33.05 19.68 -10.32
N LEU B 245 32.39 20.50 -11.17
CA LEU B 245 33.00 21.69 -11.79
C LEU B 245 33.36 22.76 -10.78
N LEU B 246 32.44 23.09 -9.85
CA LEU B 246 32.69 24.11 -8.82
C LEU B 246 33.88 23.71 -7.93
N ASP B 247 34.15 22.38 -7.84
CA ASP B 247 35.27 21.84 -7.08
C ASP B 247 36.54 21.96 -7.89
N GLN B 248 36.54 21.45 -9.14
CA GLN B 248 37.72 21.53 -10.01
C GLN B 248 38.11 22.95 -10.42
N LEU B 249 37.12 23.88 -10.44
CA LEU B 249 37.38 25.29 -10.71
C LEU B 249 37.84 25.99 -9.44
N GLY B 250 37.37 25.48 -8.28
CA GLY B 250 37.68 26.04 -6.97
C GLY B 250 37.09 27.43 -6.73
N SER B 251 37.52 28.09 -5.65
CA SER B 251 37.05 29.43 -5.29
C SER B 251 38.17 30.47 -5.49
N VAL B 252 37.83 31.59 -6.15
CA VAL B 252 38.76 32.66 -6.52
C VAL B 252 38.36 33.99 -5.87
N GLU B 253 39.33 34.65 -5.21
CA GLU B 253 39.14 35.97 -4.61
C GLU B 253 39.28 37.02 -5.74
N PRO B 254 38.27 37.89 -5.99
CA PRO B 254 38.43 38.88 -7.07
C PRO B 254 39.37 40.03 -6.69
N ASP B 255 40.66 39.71 -6.79
CA ASP B 255 41.80 40.56 -6.51
C ASP B 255 41.91 41.65 -7.56
N TRP B 256 41.88 41.24 -8.86
CA TRP B 256 42.08 42.06 -10.06
C TRP B 256 41.35 43.42 -10.11
N ASP C 4 -28.53 -44.80 -28.05
CA ASP C 4 -27.34 -45.36 -27.42
C ASP C 4 -26.09 -44.56 -27.75
N ALA C 5 -25.95 -44.05 -28.99
CA ALA C 5 -24.80 -43.24 -29.42
C ALA C 5 -24.95 -41.81 -28.89
N SER C 6 -26.20 -41.36 -28.65
CA SER C 6 -26.53 -40.03 -28.12
C SER C 6 -26.45 -39.92 -26.57
N ASP C 7 -26.16 -41.06 -25.88
CA ASP C 7 -26.02 -41.16 -24.41
C ASP C 7 -25.00 -40.14 -23.81
N PRO C 8 -25.41 -39.28 -22.84
CA PRO C 8 -24.43 -38.34 -22.25
C PRO C 8 -23.65 -38.90 -21.05
N ILE C 9 -24.11 -40.05 -20.46
CA ILE C 9 -23.52 -40.71 -19.28
C ILE C 9 -22.19 -41.40 -19.58
N ARG C 10 -22.17 -42.40 -20.47
CA ARG C 10 -20.97 -43.16 -20.85
C ARG C 10 -19.74 -42.25 -21.13
N PRO C 11 -19.82 -41.25 -22.05
CA PRO C 11 -18.64 -40.41 -22.31
C PRO C 11 -18.20 -39.57 -21.12
N LEU C 12 -19.17 -39.06 -20.31
CA LEU C 12 -18.86 -38.28 -19.10
C LEU C 12 -18.08 -39.13 -18.09
N VAL C 13 -18.53 -40.39 -17.85
CA VAL C 13 -17.85 -41.37 -16.99
C VAL C 13 -16.40 -41.58 -17.48
N GLU C 14 -16.21 -41.92 -18.79
CA GLU C 14 -14.90 -42.15 -19.41
C GLU C 14 -14.01 -40.95 -19.22
N ALA C 15 -14.58 -39.73 -19.37
CA ALA C 15 -13.88 -38.45 -19.25
C ALA C 15 -13.41 -38.19 -17.85
N LEU C 16 -14.30 -38.45 -16.89
CA LEU C 16 -13.99 -38.26 -15.50
C LEU C 16 -12.92 -39.23 -15.02
N ASN C 17 -13.07 -40.52 -15.40
CA ASN C 17 -12.14 -41.60 -15.11
C ASN C 17 -10.78 -41.33 -15.69
N ALA C 18 -10.75 -40.69 -16.87
CA ALA C 18 -9.50 -40.33 -17.56
C ALA C 18 -8.68 -39.34 -16.75
N GLU C 19 -9.32 -38.31 -16.12
CA GLU C 19 -8.58 -37.32 -15.31
C GLU C 19 -8.16 -37.90 -13.96
N ALA C 20 -9.04 -38.66 -13.32
CA ALA C 20 -8.83 -39.28 -12.01
C ALA C 20 -9.90 -40.36 -11.86
N PRO C 21 -9.49 -41.64 -11.71
CA PRO C 21 -10.50 -42.70 -11.60
C PRO C 21 -11.55 -42.45 -10.51
N LEU C 22 -12.82 -42.71 -10.86
CA LEU C 22 -13.96 -42.53 -9.96
C LEU C 22 -14.03 -43.71 -9.00
N LYS C 23 -13.99 -43.38 -7.70
CA LYS C 23 -14.12 -44.34 -6.60
CA LYS C 23 -14.12 -44.34 -6.61
C LYS C 23 -15.62 -44.42 -6.28
N LEU C 24 -16.24 -45.60 -6.48
CA LEU C 24 -17.67 -45.77 -6.26
C LEU C 24 -18.14 -45.35 -4.90
N TRP C 25 -17.40 -45.72 -3.84
CA TRP C 25 -17.81 -45.34 -2.48
C TRP C 25 -17.99 -43.82 -2.33
N SER C 26 -17.11 -43.02 -2.96
CA SER C 26 -17.21 -41.58 -2.91
C SER C 26 -18.38 -41.04 -3.72
N VAL C 27 -18.62 -41.63 -4.92
CA VAL C 27 -19.76 -41.28 -5.78
C VAL C 27 -21.03 -41.50 -4.98
N LEU C 28 -21.11 -42.61 -4.20
CA LEU C 28 -22.26 -42.93 -3.35
C LEU C 28 -22.45 -41.90 -2.23
N VAL C 29 -21.34 -41.42 -1.62
CA VAL C 29 -21.34 -40.39 -0.58
C VAL C 29 -21.88 -39.08 -1.14
N THR C 30 -21.53 -38.74 -2.40
CA THR C 30 -22.02 -37.55 -3.10
C THR C 30 -23.53 -37.66 -3.31
N CYS C 31 -23.95 -38.82 -3.85
CA CYS C 31 -25.33 -39.13 -4.15
C CYS C 31 -26.21 -39.01 -2.92
N LEU C 32 -25.87 -39.75 -1.85
CA LEU C 32 -26.61 -39.75 -0.60
C LEU C 32 -26.65 -38.36 0.04
N GLY C 33 -25.53 -37.65 0.02
CA GLY C 33 -25.45 -36.29 0.53
C GLY C 33 -26.35 -35.32 -0.21
N ASP C 34 -26.35 -35.40 -1.56
CA ASP C 34 -27.18 -34.53 -2.38
C ASP C 34 -28.68 -34.74 -2.17
N VAL C 35 -29.14 -36.00 -2.06
CA VAL C 35 -30.56 -36.29 -1.85
C VAL C 35 -31.04 -35.85 -0.46
N SER C 36 -30.16 -35.97 0.57
CA SER C 36 -30.41 -35.61 1.96
C SER C 36 -30.57 -34.12 2.12
N ARG C 37 -29.92 -33.34 1.23
CA ARG C 37 -29.95 -31.89 1.15
C ARG C 37 -31.38 -31.43 0.79
N ASP C 38 -32.03 -32.13 -0.15
CA ASP C 38 -33.37 -31.80 -0.63
C ASP C 38 -34.56 -32.65 -0.13
N GLY C 39 -34.42 -33.32 1.04
CA GLY C 39 -35.51 -34.05 1.68
C GLY C 39 -35.54 -35.57 1.72
N VAL C 40 -34.97 -36.24 0.69
CA VAL C 40 -34.91 -37.70 0.59
C VAL C 40 -33.88 -38.14 1.63
N ILE C 41 -34.34 -38.45 2.82
CA ILE C 41 -33.46 -38.85 3.90
C ILE C 41 -32.75 -40.18 3.60
N GLU C 42 -33.45 -41.15 2.94
CA GLU C 42 -32.89 -42.44 2.57
C GLU C 42 -33.37 -42.96 1.23
N VAL C 43 -32.46 -43.62 0.49
CA VAL C 43 -32.68 -44.20 -0.84
C VAL C 43 -32.74 -45.73 -0.72
N SER C 44 -33.69 -46.39 -1.42
CA SER C 44 -33.79 -47.86 -1.45
C SER C 44 -32.60 -48.45 -2.20
N GLY C 45 -32.23 -49.67 -1.83
CA GLY C 45 -31.11 -50.40 -2.44
C GLY C 45 -31.28 -50.64 -3.93
N VAL C 46 -32.53 -50.88 -4.35
CA VAL C 46 -32.89 -51.15 -5.74
C VAL C 46 -32.82 -49.86 -6.60
N ALA C 47 -33.22 -48.71 -6.01
CA ALA C 47 -33.15 -47.40 -6.66
C ALA C 47 -31.68 -46.98 -6.80
N LEU C 48 -30.88 -47.30 -5.77
CA LEU C 48 -29.45 -47.03 -5.74
C LEU C 48 -28.75 -47.91 -6.77
N SER C 49 -29.20 -49.18 -6.90
CA SER C 49 -28.67 -50.17 -7.81
C SER C 49 -28.88 -49.80 -9.27
N SER C 50 -30.02 -49.17 -9.58
CA SER C 50 -30.33 -48.75 -10.94
C SER C 50 -29.44 -47.58 -11.38
N PHE C 51 -29.06 -46.72 -10.42
CA PHE C 51 -28.13 -45.61 -10.62
C PHE C 51 -26.73 -46.16 -10.94
N VAL C 52 -26.25 -47.13 -10.12
CA VAL C 52 -24.96 -47.79 -10.30
C VAL C 52 -24.88 -48.53 -11.66
N GLU C 53 -25.98 -49.16 -12.09
CA GLU C 53 -26.08 -49.86 -13.38
C GLU C 53 -26.04 -48.87 -14.56
N ARG C 54 -26.80 -47.75 -14.42
CA ARG C 54 -26.92 -46.68 -15.41
C ARG C 54 -25.57 -46.04 -15.72
N GLY C 56 -22.76 -47.79 -15.72
CA GLY C 56 -22.02 -48.83 -16.43
C GLY C 56 -21.38 -49.85 -15.52
N LEU C 57 -21.73 -49.80 -14.21
CA LEU C 57 -21.18 -50.67 -13.19
C LEU C 57 -22.07 -51.82 -12.78
N GLN C 58 -21.47 -52.78 -12.04
CA GLN C 58 -22.14 -53.98 -11.54
C GLN C 58 -22.79 -53.77 -10.18
N PRO C 59 -23.94 -54.44 -9.88
CA PRO C 59 -24.55 -54.27 -8.54
C PRO C 59 -23.66 -54.82 -7.41
N GLN C 60 -22.76 -55.79 -7.75
CA GLN C 60 -21.76 -56.39 -6.88
C GLN C 60 -20.81 -55.30 -6.34
N ALA C 61 -20.38 -54.39 -7.24
CA ALA C 61 -19.51 -53.24 -6.92
C ALA C 61 -20.17 -52.30 -5.91
N ARG C 63 -22.43 -53.26 -3.63
CA ARG C 63 -22.46 -53.98 -2.36
C ARG C 63 -21.12 -53.82 -1.62
N VAL C 64 -19.98 -54.00 -2.33
CA VAL C 64 -18.65 -53.84 -1.74
C VAL C 64 -18.39 -52.41 -1.28
N ALA C 65 -18.96 -51.41 -2.00
CA ALA C 65 -18.87 -49.99 -1.69
C ALA C 65 -19.71 -49.68 -0.45
N LEU C 66 -20.93 -50.27 -0.36
CA LEU C 66 -21.78 -50.09 0.81
C LEU C 66 -21.21 -50.76 2.04
N HIS C 67 -20.51 -51.91 1.88
CA HIS C 67 -19.86 -52.59 3.00
C HIS C 67 -18.73 -51.73 3.55
N ARG C 68 -17.88 -51.19 2.64
CA ARG C 68 -16.76 -50.32 3.01
C ARG C 68 -17.31 -49.13 3.83
N LEU C 69 -18.32 -48.42 3.28
CA LEU C 69 -18.96 -47.26 3.90
C LEU C 69 -19.68 -47.54 5.22
N LYS C 70 -20.24 -48.77 5.38
CA LYS C 70 -20.93 -49.19 6.59
C LYS C 70 -19.93 -49.25 7.73
N ARG C 71 -18.89 -50.12 7.60
CA ARG C 71 -17.86 -50.33 8.62
C ARG C 71 -17.11 -49.07 9.02
N ASP C 72 -16.88 -48.16 8.05
CA ASP C 72 -16.18 -46.89 8.25
C ASP C 72 -17.07 -45.76 8.79
N GLY C 73 -18.31 -46.09 9.13
CA GLY C 73 -19.29 -45.17 9.71
C GLY C 73 -19.73 -44.00 8.84
N TRP C 74 -19.74 -44.19 7.52
CA TRP C 74 -20.17 -43.16 6.57
C TRP C 74 -21.63 -43.34 6.21
N VAL C 75 -22.07 -44.59 6.14
CA VAL C 75 -23.44 -44.93 5.78
C VAL C 75 -24.11 -45.80 6.87
N GLU C 76 -25.44 -45.67 6.97
CA GLU C 76 -26.30 -46.42 7.87
C GLU C 76 -27.34 -47.18 7.05
N SER C 77 -27.72 -48.40 7.47
CA SER C 77 -28.65 -49.24 6.72
C SER C 77 -29.77 -49.86 7.55
N ARG C 78 -31.01 -49.76 7.05
CA ARG C 78 -32.19 -50.37 7.66
C ARG C 78 -32.80 -51.37 6.67
N ARG C 79 -33.35 -52.46 7.21
CA ARG C 79 -34.00 -53.46 6.39
C ARG C 79 -35.46 -53.54 6.83
N LEU C 80 -36.37 -53.07 5.96
CA LEU C 80 -37.81 -53.14 6.20
C LEU C 80 -38.32 -54.20 5.25
N GLY C 81 -38.35 -55.43 5.76
CA GLY C 81 -38.73 -56.61 4.99
C GLY C 81 -37.60 -57.03 4.08
N ARG C 82 -37.88 -57.09 2.78
CA ARG C 82 -36.89 -57.50 1.78
C ARG C 82 -36.16 -56.28 1.16
N VAL C 83 -36.57 -55.05 1.52
CA VAL C 83 -35.97 -53.82 0.99
C VAL C 83 -34.97 -53.22 1.97
N GLY C 84 -33.83 -52.82 1.44
CA GLY C 84 -32.77 -52.16 2.19
C GLY C 84 -32.81 -50.67 1.93
N PHE C 85 -32.63 -49.87 3.00
CA PHE C 85 -32.62 -48.40 2.92
C PHE C 85 -31.33 -47.83 3.50
N HIS C 86 -30.63 -47.10 2.65
CA HIS C 86 -29.32 -46.51 2.93
C HIS C 86 -29.39 -45.00 3.01
N ARG C 87 -28.61 -44.41 3.93
CA ARG C 87 -28.52 -42.97 4.18
C ARG C 87 -27.16 -42.64 4.75
N LEU C 88 -26.73 -41.36 4.65
CA LEU C 88 -25.47 -41.00 5.30
C LEU C 88 -25.65 -41.02 6.81
N SER C 89 -24.59 -41.40 7.54
CA SER C 89 -24.57 -41.44 8.99
C SER C 89 -24.61 -40.01 9.51
N ASP C 90 -25.05 -39.83 10.77
CA ASP C 90 -25.13 -38.53 11.43
C ASP C 90 -23.77 -37.82 11.36
N SER C 91 -22.69 -38.61 11.55
CA SER C 91 -21.30 -38.18 11.44
C SER C 91 -20.99 -37.62 10.02
N ALA C 92 -21.43 -38.35 8.97
CA ALA C 92 -21.24 -38.00 7.57
C ALA C 92 -22.10 -36.82 7.17
N LEU C 93 -23.35 -36.74 7.67
CA LEU C 93 -24.24 -35.61 7.36
C LEU C 93 -23.73 -34.26 7.89
N THR C 94 -23.27 -34.22 9.14
CA THR C 94 -22.73 -32.98 9.73
C THR C 94 -21.47 -32.49 9.00
N GLN C 95 -20.63 -33.44 8.54
CA GLN C 95 -19.41 -33.18 7.77
C GLN C 95 -19.76 -32.63 6.37
N THR C 96 -20.85 -33.19 5.77
CA THR C 96 -21.43 -32.84 4.47
C THR C 96 -22.02 -31.41 4.50
N ARG C 97 -22.75 -31.07 5.58
CA ARG C 97 -23.36 -29.75 5.71
C ARG C 97 -22.32 -28.68 5.94
N ALA C 98 -21.18 -29.06 6.55
CA ALA C 98 -20.07 -28.14 6.83
C ALA C 98 -19.43 -27.62 5.53
N VAL C 99 -19.66 -28.31 4.41
CA VAL C 99 -19.08 -27.94 3.11
C VAL C 99 -20.10 -27.49 2.08
N ALA C 100 -21.41 -27.47 2.47
CA ALA C 100 -22.53 -27.10 1.61
C ALA C 100 -22.30 -25.79 0.82
N GLY C 101 -21.88 -24.74 1.53
CA GLY C 101 -21.59 -23.42 0.96
C GLY C 101 -20.47 -23.40 -0.04
N ARG C 102 -19.46 -24.25 0.18
CA ARG C 102 -18.32 -24.40 -0.69
C ARG C 102 -18.78 -25.05 -2.03
N ILE C 103 -19.57 -26.10 -1.92
CA ILE C 103 -20.02 -26.88 -3.06
C ILE C 103 -21.16 -26.20 -3.79
N TYR C 104 -22.28 -25.97 -3.06
CA TYR C 104 -23.48 -25.44 -3.65
C TYR C 104 -23.61 -23.90 -3.66
N GLY C 105 -22.85 -23.20 -2.80
CA GLY C 105 -22.90 -21.75 -2.67
C GLY C 105 -22.49 -20.94 -3.87
N PRO C 106 -22.74 -19.61 -3.88
CA PRO C 106 -22.38 -18.79 -5.06
C PRO C 106 -20.89 -18.48 -5.24
N GLY C 107 -20.06 -18.83 -4.26
CA GLY C 107 -18.60 -18.64 -4.35
C GLY C 107 -18.15 -17.32 -3.79
N ALA C 108 -16.84 -17.22 -3.47
CA ALA C 108 -16.20 -16.04 -2.85
C ALA C 108 -16.03 -14.84 -3.74
N GLY C 109 -16.13 -15.04 -5.05
CA GLY C 109 -16.00 -13.97 -6.03
C GLY C 109 -14.65 -13.29 -5.94
N PRO C 110 -14.60 -11.95 -6.01
CA PRO C 110 -13.30 -11.28 -5.84
C PRO C 110 -13.14 -11.05 -4.32
N ALA C 111 -12.68 -12.12 -3.67
CA ALA C 111 -12.45 -12.15 -2.25
C ALA C 111 -11.05 -11.62 -1.98
N PRO C 112 -10.84 -10.86 -0.88
CA PRO C 112 -9.50 -10.36 -0.59
C PRO C 112 -8.61 -11.38 0.10
N TRP C 113 -7.30 -11.25 -0.12
CA TRP C 113 -6.29 -12.06 0.50
C TRP C 113 -5.34 -11.18 1.33
N HIS C 114 -4.56 -11.84 2.19
CA HIS C 114 -3.58 -11.23 3.05
C HIS C 114 -2.39 -12.16 3.17
N LEU C 115 -1.25 -11.67 3.69
CA LEU C 115 -0.07 -12.50 3.87
C LEU C 115 0.21 -12.60 5.32
N ALA C 116 0.42 -13.83 5.80
CA ALA C 116 0.64 -14.13 7.20
C ALA C 116 2.02 -14.77 7.40
N GLY C 117 2.79 -14.22 8.34
CA GLY C 117 4.12 -14.70 8.70
C GLY C 117 4.12 -15.28 10.08
N PRO C 119 5.56 -17.01 13.71
CA PRO C 119 6.72 -16.79 14.59
C PRO C 119 7.88 -17.79 14.38
N PRO C 120 9.13 -17.45 14.81
CA PRO C 120 10.28 -18.35 14.58
C PRO C 120 10.25 -19.69 15.29
N ASP C 121 9.68 -19.70 16.49
CA ASP C 121 9.53 -20.89 17.33
C ASP C 121 8.55 -21.93 16.75
N ALA C 122 7.52 -21.50 15.99
CA ALA C 122 6.49 -22.36 15.43
C ALA C 122 6.82 -22.89 14.02
N PRO C 123 7.28 -24.15 13.84
CA PRO C 123 7.55 -24.64 12.47
C PRO C 123 6.26 -25.10 11.75
N ASP C 124 5.34 -25.80 12.47
CA ASP C 124 4.06 -26.23 11.92
C ASP C 124 3.00 -25.18 12.28
N GLY C 125 3.29 -23.92 11.95
CA GLY C 125 2.43 -22.77 12.22
C GLY C 125 1.07 -22.88 11.61
N LEU C 126 0.99 -23.46 10.40
CA LEU C 126 -0.26 -23.65 9.66
C LEU C 126 -1.29 -24.52 10.40
N SER C 127 -0.84 -25.42 11.27
CA SER C 127 -1.73 -26.25 12.10
C SER C 127 -2.39 -25.37 13.20
N LEU C 128 -1.66 -24.35 13.68
CA LEU C 128 -2.14 -23.38 14.69
C LEU C 128 -3.24 -22.45 14.12
N LEU C 129 -3.44 -22.46 12.76
CA LEU C 129 -4.45 -21.62 12.14
C LEU C 129 -5.84 -22.25 12.15
N PRO C 130 -6.85 -21.51 12.68
CA PRO C 130 -8.24 -22.04 12.72
C PRO C 130 -8.79 -22.56 11.39
N ASP C 131 -9.83 -23.42 11.46
CA ASP C 131 -10.54 -24.02 10.31
C ASP C 131 -11.30 -22.98 9.47
N THR C 132 -11.57 -21.80 10.07
CA THR C 132 -12.26 -20.63 9.50
C THR C 132 -11.36 -19.89 8.51
N LEU C 133 -10.04 -20.11 8.62
CA LEU C 133 -8.99 -19.52 7.77
C LEU C 133 -8.49 -20.51 6.77
N SER C 134 -8.28 -20.05 5.52
CA SER C 134 -7.69 -20.85 4.44
C SER C 134 -6.27 -20.32 4.23
N ALA C 135 -5.26 -21.23 4.17
CA ALA C 135 -3.86 -20.84 4.02
C ALA C 135 -3.07 -21.62 2.98
N THR C 136 -2.36 -20.90 2.10
CA THR C 136 -1.47 -21.46 1.08
C THR C 136 -0.03 -20.97 1.31
N PRO C 137 0.88 -21.87 1.74
CA PRO C 137 2.28 -21.45 1.94
C PRO C 137 2.95 -21.02 0.65
N ILE C 138 3.77 -19.95 0.72
CA ILE C 138 4.54 -19.38 -0.40
C ILE C 138 6.04 -19.40 -0.06
N SER C 139 6.33 -19.58 1.23
CA SER C 139 7.67 -19.72 1.81
C SER C 139 7.52 -20.65 3.07
N ARG C 140 8.63 -20.97 3.75
CA ARG C 140 8.62 -21.81 4.97
C ARG C 140 7.81 -21.20 6.13
N ARG C 141 7.74 -19.87 6.22
CA ARG C 141 7.08 -19.15 7.31
C ARG C 141 5.95 -18.25 6.86
N PHE C 142 5.84 -18.01 5.56
CA PHE C 142 4.79 -17.15 5.02
C PHE C 142 3.78 -17.89 4.16
N ALA C 143 2.51 -17.51 4.31
CA ALA C 143 1.37 -18.09 3.60
C ALA C 143 0.36 -17.03 3.23
N LEU C 144 -0.32 -17.26 2.09
CA LEU C 144 -1.41 -16.40 1.65
C LEU C 144 -2.65 -16.87 2.41
N ILE C 145 -3.36 -15.94 3.07
CA ILE C 145 -4.53 -16.29 3.87
C ILE C 145 -5.88 -15.70 3.37
N CYS C 146 -6.94 -16.32 3.86
CA CYS C 146 -8.30 -16.04 3.54
C CYS C 146 -9.19 -16.22 4.77
N GLY C 147 -10.22 -15.41 4.92
CA GLY C 147 -11.14 -15.59 6.01
C GLY C 147 -11.07 -14.52 7.08
N PRO C 148 -11.76 -14.73 8.23
CA PRO C 148 -11.79 -13.69 9.26
C PRO C 148 -10.42 -13.37 9.86
N LEU C 149 -9.98 -12.12 9.68
CA LEU C 149 -8.66 -11.68 10.16
C LEU C 149 -8.57 -11.64 11.66
N GLU C 150 -9.73 -11.65 12.35
CA GLU C 150 -9.78 -11.67 13.81
C GLU C 150 -9.28 -13.03 14.31
N ASP C 151 -9.34 -14.07 13.45
CA ASP C 151 -8.90 -15.43 13.75
C ASP C 151 -7.41 -15.63 13.50
N VAL C 152 -6.73 -14.61 12.94
CA VAL C 152 -5.28 -14.66 12.69
C VAL C 152 -4.60 -14.34 14.03
N PRO C 153 -3.82 -15.28 14.62
CA PRO C 153 -3.20 -15.02 15.93
C PRO C 153 -2.31 -13.78 15.97
N GLU C 154 -2.29 -13.10 17.14
CA GLU C 154 -1.57 -11.84 17.36
C GLU C 154 -0.07 -11.95 17.24
N ASP C 155 0.48 -13.18 17.26
CA ASP C 155 1.91 -13.41 17.15
C ASP C 155 2.34 -13.71 15.71
N TRP C 156 1.43 -13.45 14.74
CA TRP C 156 1.71 -13.61 13.32
C TRP C 156 1.82 -12.23 12.69
N LEU C 157 2.68 -12.09 11.68
CA LEU C 157 2.84 -10.82 10.98
C LEU C 157 1.85 -10.74 9.84
N LEU C 158 0.85 -9.89 10.00
CA LEU C 158 -0.20 -9.73 9.00
C LEU C 158 0.06 -8.53 8.14
N THR C 159 0.16 -8.82 6.87
CA THR C 159 0.48 -7.84 5.84
C THR C 159 -0.51 -7.92 4.64
N ALA C 160 -0.84 -6.75 4.05
CA ALA C 160 -1.87 -6.62 3.00
C ALA C 160 -1.34 -6.43 1.58
N PRO C 161 -2.14 -6.69 0.52
CA PRO C 161 -1.60 -6.47 -0.84
C PRO C 161 -1.30 -4.99 -1.17
N SER C 162 -0.15 -4.76 -1.86
CA SER C 162 0.27 -3.44 -2.35
C SER C 162 -0.31 -3.28 -3.74
N GLY C 163 -0.21 -2.10 -4.33
CA GLY C 163 -0.72 -1.84 -5.68
C GLY C 163 -0.10 -2.73 -6.78
N ARG C 164 1.10 -3.24 -6.49
CA ARG C 164 1.90 -4.15 -7.31
C ARG C 164 1.21 -5.50 -7.43
N GLY C 165 1.44 -6.18 -8.54
CA GLY C 165 0.85 -7.50 -8.75
C GLY C 165 1.56 -8.58 -7.95
N LEU C 166 1.45 -9.84 -8.42
CA LEU C 166 2.16 -10.94 -7.80
C LEU C 166 3.39 -11.28 -8.65
N PRO C 167 4.55 -11.55 -8.01
CA PRO C 167 5.72 -11.97 -8.81
C PRO C 167 5.43 -13.34 -9.40
N VAL C 168 6.06 -13.70 -10.51
CA VAL C 168 5.84 -14.98 -11.18
C VAL C 168 5.95 -16.18 -10.23
N TRP C 169 6.94 -16.16 -9.30
CA TRP C 169 7.11 -17.25 -8.35
C TRP C 169 5.90 -17.50 -7.46
N VAL C 170 5.13 -16.42 -7.15
CA VAL C 170 3.89 -16.50 -6.39
C VAL C 170 2.79 -17.04 -7.31
N GLN C 171 2.67 -16.49 -8.54
CA GLN C 171 1.66 -16.96 -9.49
C GLN C 171 1.77 -18.45 -9.73
N ASP C 172 3.01 -18.97 -9.80
CA ASP C 172 3.27 -20.40 -10.00
C ASP C 172 2.66 -21.28 -8.88
N VAL C 173 2.80 -20.81 -7.64
CA VAL C 173 2.24 -21.48 -6.48
C VAL C 173 0.73 -21.53 -6.56
N VAL C 174 0.09 -20.34 -6.70
CA VAL C 174 -1.38 -20.18 -6.69
C VAL C 174 -2.07 -20.87 -7.83
N VAL C 175 -1.43 -20.87 -9.02
CA VAL C 175 -1.97 -21.59 -10.18
C VAL C 175 -2.16 -23.05 -9.79
N GLU C 176 -1.17 -23.66 -9.11
CA GLU C 176 -1.21 -25.04 -8.62
C GLU C 176 -2.21 -25.20 -7.45
N ALA C 177 -2.02 -24.51 -6.31
CA ALA C 177 -2.93 -24.61 -5.14
C ALA C 177 -4.42 -24.21 -5.37
N GLY C 178 -4.66 -23.37 -6.38
CA GLY C 178 -5.97 -22.89 -6.83
C GLY C 178 -6.50 -23.68 -8.02
N CYS C 179 -5.84 -24.83 -8.37
CA CYS C 179 -6.27 -25.80 -9.38
C CYS C 179 -6.72 -25.21 -10.71
N GLU C 180 -5.94 -24.26 -11.19
CA GLU C 180 -6.28 -23.56 -12.41
C GLU C 180 -6.46 -24.46 -13.61
N ALA C 181 -5.64 -25.51 -13.75
CA ALA C 181 -5.72 -26.42 -14.88
C ALA C 181 -6.88 -27.39 -14.74
N GLU C 182 -7.04 -27.93 -13.51
CA GLU C 182 -8.08 -28.88 -13.16
C GLU C 182 -9.46 -28.35 -13.40
N PHE C 183 -9.69 -27.07 -13.05
CA PHE C 183 -10.94 -26.35 -13.17
C PHE C 183 -11.25 -26.10 -14.61
N LYS C 184 -10.23 -25.62 -15.36
CA LYS C 184 -10.36 -25.37 -16.79
C LYS C 184 -10.67 -26.66 -17.54
N ALA C 185 -10.14 -27.80 -17.06
CA ALA C 185 -10.34 -29.13 -17.66
C ALA C 185 -11.68 -29.72 -17.35
N LEU C 186 -12.22 -29.45 -16.12
CA LEU C 186 -13.55 -29.95 -15.73
C LEU C 186 -14.59 -29.27 -16.63
N GLU C 187 -14.51 -27.93 -16.78
CA GLU C 187 -15.37 -27.15 -17.68
C GLU C 187 -15.36 -27.71 -19.16
N ARG C 188 -14.16 -28.09 -19.68
CA ARG C 188 -14.09 -28.65 -21.05
C ARG C 188 -14.85 -29.96 -21.09
N THR C 189 -14.58 -30.84 -20.09
CA THR C 189 -15.24 -32.13 -19.90
C THR C 189 -16.77 -31.92 -19.82
N LEU C 190 -17.24 -30.94 -19.01
CA LEU C 190 -18.68 -30.66 -18.85
C LEU C 190 -19.36 -30.08 -20.12
N ALA C 191 -18.59 -29.39 -21.00
CA ALA C 191 -19.13 -28.70 -22.20
C ALA C 191 -19.87 -29.62 -23.15
N GLN C 192 -19.51 -30.91 -23.14
CA GLN C 192 -20.11 -31.97 -23.94
C GLN C 192 -21.61 -32.14 -23.64
N ILE C 193 -22.08 -31.79 -22.41
CA ILE C 193 -23.47 -31.86 -21.92
C ILE C 193 -24.33 -30.80 -22.62
N ASP C 194 -24.83 -31.19 -23.80
CA ASP C 194 -25.62 -30.44 -24.77
C ASP C 194 -27.08 -30.31 -24.34
N LYS C 195 -27.77 -31.43 -24.16
CA LYS C 195 -29.18 -31.40 -23.77
C LYS C 195 -29.49 -32.21 -22.53
N VAL C 196 -30.57 -31.83 -21.86
CA VAL C 196 -31.09 -32.49 -20.65
C VAL C 196 -31.76 -33.81 -21.09
N PRO C 197 -31.39 -34.97 -20.48
CA PRO C 197 -32.01 -36.22 -20.92
C PRO C 197 -33.46 -36.33 -20.49
N ASP C 198 -34.24 -37.12 -21.26
CA ASP C 198 -35.68 -37.32 -21.05
C ASP C 198 -36.00 -38.12 -19.78
N THR C 199 -35.32 -39.27 -19.58
CA THR C 199 -35.44 -40.16 -18.41
C THR C 199 -35.12 -39.41 -17.10
N ARG C 200 -35.88 -39.68 -16.05
CA ARG C 200 -35.62 -39.12 -14.76
C ARG C 200 -34.35 -39.79 -14.20
N LEU C 201 -34.14 -41.10 -14.48
CA LEU C 201 -32.95 -41.83 -14.07
C LEU C 201 -31.69 -41.22 -14.71
N GLU C 202 -31.73 -40.97 -16.03
CA GLU C 202 -30.60 -40.34 -16.76
C GLU C 202 -30.30 -38.97 -16.13
N ARG C 203 -31.35 -38.12 -15.90
CA ARG C 203 -31.20 -36.81 -15.30
CA ARG C 203 -31.25 -36.80 -15.30
C ARG C 203 -30.55 -36.92 -13.93
N PHE C 204 -30.95 -37.93 -13.12
CA PHE C 204 -30.41 -38.19 -11.80
C PHE C 204 -28.94 -38.59 -11.87
N THR C 205 -28.60 -39.59 -12.70
CA THR C 205 -27.23 -40.09 -12.89
C THR C 205 -26.26 -39.01 -13.38
N LEU C 206 -26.75 -38.15 -14.28
CA LEU C 206 -25.95 -37.05 -14.83
C LEU C 206 -25.67 -36.02 -13.76
N ARG C 207 -26.71 -35.65 -12.96
CA ARG C 207 -26.58 -34.70 -11.84
C ARG C 207 -25.57 -35.16 -10.82
N VAL C 208 -25.67 -36.42 -10.34
CA VAL C 208 -24.72 -36.99 -9.39
C VAL C 208 -23.29 -36.99 -9.97
N LEU C 209 -23.11 -37.34 -11.28
CA LEU C 209 -21.79 -37.33 -11.92
C LEU C 209 -21.18 -35.93 -12.01
N VAL C 210 -21.96 -34.95 -12.50
CA VAL C 210 -21.54 -33.54 -12.58
C VAL C 210 -21.23 -33.00 -11.15
N LEU C 211 -22.08 -33.33 -10.17
CA LEU C 211 -21.86 -32.91 -8.80
C LEU C 211 -20.64 -33.58 -8.14
N HIS C 212 -20.42 -34.89 -8.37
CA HIS C 212 -19.27 -35.58 -7.81
C HIS C 212 -17.92 -35.00 -8.36
N ALA C 213 -17.84 -34.79 -9.68
CA ALA C 213 -16.68 -34.24 -10.36
C ALA C 213 -16.31 -32.91 -9.79
N TRP C 214 -17.34 -32.10 -9.49
CA TRP C 214 -17.19 -30.78 -8.89
C TRP C 214 -16.79 -30.91 -7.42
N ARG C 215 -17.52 -31.71 -6.64
CA ARG C 215 -17.26 -31.93 -5.20
C ARG C 215 -15.80 -32.33 -4.99
N ARG C 216 -15.35 -33.40 -5.68
CA ARG C 216 -13.98 -33.91 -5.57
C ARG C 216 -12.86 -32.90 -5.84
N LEU C 217 -13.08 -31.96 -6.76
CA LEU C 217 -12.11 -30.94 -7.14
C LEU C 217 -12.16 -29.70 -6.26
N ILE C 218 -13.34 -29.06 -6.08
CA ILE C 218 -13.49 -27.86 -5.24
C ILE C 218 -12.97 -28.04 -3.82
N LEU C 219 -13.31 -29.17 -3.17
CA LEU C 219 -12.89 -29.45 -1.80
C LEU C 219 -11.39 -29.70 -1.71
N ARG C 220 -10.75 -29.90 -2.85
CA ARG C 220 -9.32 -30.17 -2.92
C ARG C 220 -8.54 -28.85 -3.15
N SER C 221 -9.20 -27.84 -3.80
CA SER C 221 -8.62 -26.55 -4.12
C SER C 221 -8.57 -25.63 -2.91
N SER C 222 -7.67 -24.59 -2.96
CA SER C 222 -7.51 -23.62 -1.87
C SER C 222 -8.20 -22.26 -2.07
N PRO C 223 -9.12 -21.89 -1.14
CA PRO C 223 -9.75 -20.57 -1.21
C PRO C 223 -8.75 -19.40 -1.21
N ALA C 224 -7.67 -19.53 -0.38
CA ALA C 224 -6.60 -18.54 -0.25
C ALA C 224 -5.94 -18.30 -1.59
N ALA C 225 -5.50 -19.39 -2.23
CA ALA C 225 -4.90 -19.41 -3.55
C ALA C 225 -5.89 -18.88 -4.62
N GLU C 226 -7.18 -19.25 -4.51
CA GLU C 226 -8.22 -18.78 -5.46
C GLU C 226 -8.37 -17.23 -5.37
N ALA C 227 -8.41 -16.69 -4.12
CA ALA C 227 -8.51 -15.27 -3.81
C ALA C 227 -7.33 -14.52 -4.42
N ALA C 228 -6.14 -15.13 -4.39
CA ALA C 228 -4.94 -14.55 -4.99
C ALA C 228 -4.98 -14.58 -6.51
N LEU C 229 -5.72 -15.56 -7.10
CA LEU C 229 -5.85 -15.67 -8.56
C LEU C 229 -6.73 -14.56 -9.19
N GLY C 230 -7.65 -14.04 -8.41
CA GLY C 230 -8.53 -12.98 -8.85
C GLY C 230 -9.81 -13.45 -9.50
N GLY C 231 -10.48 -12.51 -10.15
CA GLY C 231 -11.75 -12.69 -10.81
C GLY C 231 -11.67 -13.38 -12.17
N ALA C 232 -10.44 -13.60 -12.68
CA ALA C 232 -10.23 -14.30 -13.95
C ALA C 232 -9.92 -15.76 -13.69
N ARG C 233 -9.90 -16.16 -12.38
CA ARG C 233 -9.60 -17.53 -11.98
C ARG C 233 -10.65 -18.54 -12.48
N ALA C 234 -10.15 -19.76 -12.68
CA ALA C 234 -10.91 -20.88 -13.18
C ALA C 234 -12.02 -21.43 -12.27
N GLU C 235 -12.09 -21.06 -10.93
CA GLU C 235 -13.21 -21.57 -10.13
C GLU C 235 -14.52 -20.89 -10.46
N ILE C 236 -14.46 -19.60 -10.89
CA ILE C 236 -15.65 -18.77 -11.18
C ILE C 236 -16.51 -19.37 -12.32
N SER C 237 -15.91 -19.43 -13.52
CA SER C 237 -16.52 -19.94 -14.75
C SER C 237 -16.87 -21.41 -14.59
N CYS C 238 -16.08 -22.11 -13.75
CA CYS C 238 -16.36 -23.50 -13.49
C CYS C 238 -17.56 -23.69 -12.57
N ARG C 239 -17.67 -22.90 -11.51
CA ARG C 239 -18.81 -22.99 -10.59
C ARG C 239 -20.08 -22.52 -11.34
N ALA C 240 -19.96 -21.45 -12.20
CA ALA C 240 -21.07 -20.94 -13.00
C ALA C 240 -21.64 -22.06 -13.93
N ARG C 241 -20.72 -22.88 -14.50
CA ARG C 241 -21.06 -23.99 -15.34
C ARG C 241 -21.68 -25.13 -14.53
N VAL C 242 -21.04 -25.52 -13.39
CA VAL C 242 -21.56 -26.62 -12.55
C VAL C 242 -22.95 -26.28 -12.09
N HIS C 243 -23.15 -25.09 -11.54
CA HIS C 243 -24.43 -24.69 -11.01
C HIS C 243 -25.53 -24.64 -12.05
N GLN C 244 -25.24 -24.11 -13.25
CA GLN C 244 -26.13 -24.06 -14.42
C GLN C 244 -26.60 -25.46 -14.75
N LEU C 245 -25.69 -26.45 -14.78
CA LEU C 245 -26.08 -27.82 -15.06
C LEU C 245 -26.99 -28.40 -14.03
N LEU C 246 -26.70 -28.23 -12.74
CA LEU C 246 -27.59 -28.73 -11.68
C LEU C 246 -29.00 -28.03 -11.68
N ASP C 247 -29.11 -26.82 -12.28
CA ASP C 247 -30.39 -26.12 -12.44
C ASP C 247 -31.15 -26.72 -13.61
N GLN C 248 -30.48 -26.82 -14.80
CA GLN C 248 -31.14 -27.37 -15.98
C GLN C 248 -31.49 -28.86 -15.87
N LEU C 249 -30.70 -29.60 -15.06
CA LEU C 249 -30.95 -31.02 -14.79
C LEU C 249 -31.99 -31.15 -13.70
N GLY C 250 -32.03 -30.17 -12.79
CA GLY C 250 -32.96 -30.11 -11.66
C GLY C 250 -32.71 -31.19 -10.63
N SER C 251 -33.66 -31.37 -9.71
CA SER C 251 -33.58 -32.38 -8.65
C SER C 251 -34.61 -33.50 -8.91
N VAL C 252 -34.15 -34.75 -8.78
CA VAL C 252 -34.93 -35.96 -9.05
C VAL C 252 -35.01 -36.84 -7.80
N GLU C 253 -36.27 -37.27 -7.45
CA GLU C 253 -36.51 -38.19 -6.34
C GLU C 253 -36.11 -39.62 -6.76
N PRO C 254 -35.19 -40.27 -5.99
CA PRO C 254 -34.75 -41.64 -6.36
C PRO C 254 -35.76 -42.70 -5.95
N ASP C 255 -36.86 -42.79 -6.70
CA ASP C 255 -37.94 -43.72 -6.38
C ASP C 255 -37.87 -45.07 -7.12
N TRP C 256 -37.59 -45.04 -8.45
CA TRP C 256 -37.51 -46.21 -9.34
C TRP C 256 -36.97 -47.48 -8.67
N ASP D 4 38.25 23.99 36.56
CA ASP D 4 38.58 22.90 35.64
C ASP D 4 37.61 21.73 35.73
N ALA D 5 36.84 21.64 36.82
CA ALA D 5 35.83 20.59 37.07
C ALA D 5 34.57 20.87 36.24
N SER D 6 34.40 22.14 35.77
CA SER D 6 33.27 22.57 34.95
C SER D 6 33.41 22.21 33.46
N ASP D 7 34.57 21.61 33.07
CA ASP D 7 34.88 21.17 31.69
C ASP D 7 33.83 20.18 31.13
N PRO D 8 33.21 20.45 29.94
CA PRO D 8 32.21 19.50 29.40
C PRO D 8 32.80 18.39 28.53
N ILE D 9 34.10 18.53 28.10
CA ILE D 9 34.82 17.59 27.23
C ILE D 9 35.19 16.28 27.93
N ARG D 10 36.05 16.34 28.98
CA ARG D 10 36.48 15.17 29.75
C ARG D 10 35.33 14.20 30.10
N PRO D 11 34.22 14.63 30.77
CA PRO D 11 33.15 13.67 31.09
C PRO D 11 32.45 13.10 29.87
N LEU D 12 32.25 13.91 28.80
CA LEU D 12 31.62 13.43 27.55
C LEU D 12 32.47 12.31 26.93
N VAL D 13 33.82 12.51 26.85
CA VAL D 13 34.78 11.51 26.36
C VAL D 13 34.64 10.20 27.17
N GLU D 14 34.70 10.30 28.54
CA GLU D 14 34.60 9.15 29.46
C GLU D 14 33.31 8.41 29.22
N ALA D 15 32.21 9.16 28.97
CA ALA D 15 30.86 8.64 28.72
C ALA D 15 30.76 7.87 27.40
N LEU D 16 31.26 8.45 26.32
CA LEU D 16 31.30 7.83 24.98
C LEU D 16 32.18 6.57 25.02
N ASN D 17 33.35 6.65 25.62
CA ASN D 17 34.29 5.53 25.77
C ASN D 17 33.70 4.40 26.54
N ALA D 18 32.86 4.72 27.54
CA ALA D 18 32.20 3.74 28.37
C ALA D 18 31.20 2.93 27.56
N GLU D 19 30.47 3.53 26.59
CA GLU D 19 29.52 2.75 25.76
C GLU D 19 30.23 1.93 24.70
N ALA D 20 31.22 2.54 24.04
CA ALA D 20 32.03 1.92 22.98
C ALA D 20 33.30 2.76 22.85
N PRO D 21 34.49 2.18 23.09
CA PRO D 21 35.72 2.98 23.02
C PRO D 21 35.86 3.77 21.71
N LEU D 22 36.23 5.07 21.85
CA LEU D 22 36.42 5.96 20.72
C LEU D 22 37.76 5.65 20.05
N LYS D 23 37.69 5.33 18.75
CA LYS D 23 38.78 5.02 17.84
C LYS D 23 39.16 6.36 17.22
N LEU D 24 40.38 6.81 17.52
CA LEU D 24 40.83 8.11 17.05
C LEU D 24 40.74 8.30 15.55
N TRP D 25 41.13 7.27 14.76
CA TRP D 25 41.05 7.39 13.30
C TRP D 25 39.66 7.77 12.83
N SER D 26 38.61 7.18 13.45
CA SER D 26 37.24 7.47 13.10
C SER D 26 36.81 8.88 13.51
N VAL D 27 37.23 9.32 14.72
CA VAL D 27 36.96 10.67 15.23
C VAL D 27 37.56 11.67 14.23
N LEU D 28 38.77 11.37 13.70
CA LEU D 28 39.45 12.21 12.71
C LEU D 28 38.68 12.29 11.41
N VAL D 29 38.10 11.14 10.97
CA VAL D 29 37.29 11.03 9.74
C VAL D 29 36.04 11.92 9.88
N THR D 30 35.42 11.93 11.08
CA THR D 30 34.26 12.77 11.39
C THR D 30 34.65 14.25 11.32
N CYS D 31 35.76 14.59 11.98
CA CYS D 31 36.28 15.93 12.05
C CYS D 31 36.55 16.50 10.67
N LEU D 32 37.39 15.81 9.88
CA LEU D 32 37.76 16.22 8.54
C LEU D 32 36.54 16.32 7.60
N GLY D 33 35.61 15.37 7.71
CA GLY D 33 34.38 15.37 6.94
C GLY D 33 33.51 16.57 7.25
N ASP D 34 33.37 16.90 8.54
CA ASP D 34 32.56 18.04 8.98
C ASP D 34 33.10 19.38 8.52
N VAL D 35 34.41 19.59 8.60
CA VAL D 35 35.05 20.85 8.18
C VAL D 35 34.97 21.05 6.65
N SER D 36 35.09 19.96 5.89
CA SER D 36 35.05 19.93 4.43
C SER D 36 33.66 20.29 3.90
N ARG D 37 32.63 19.97 4.70
CA ARG D 37 31.22 20.26 4.43
C ARG D 37 30.99 21.79 4.39
N ASP D 38 31.65 22.53 5.33
CA ASP D 38 31.53 23.98 5.47
C ASP D 38 32.69 24.87 4.96
N GLY D 39 33.51 24.37 4.03
CA GLY D 39 34.55 25.18 3.38
C GLY D 39 36.01 24.93 3.66
N VAL D 40 36.37 24.53 4.91
CA VAL D 40 37.75 24.24 5.33
C VAL D 40 38.14 22.93 4.64
N ILE D 41 38.70 23.04 3.44
CA ILE D 41 39.07 21.84 2.70
C ILE D 41 40.18 21.04 3.38
N GLU D 42 41.15 21.73 4.04
CA GLU D 42 42.23 21.09 4.79
C GLU D 42 42.61 21.78 6.09
N VAL D 43 42.90 20.96 7.12
CA VAL D 43 43.26 21.38 8.49
C VAL D 43 44.75 21.14 8.70
N SER D 44 45.44 22.12 9.33
CA SER D 44 46.86 22.01 9.66
C SER D 44 47.06 20.95 10.74
N GLY D 45 48.22 20.31 10.73
CA GLY D 45 48.58 19.29 11.70
C GLY D 45 48.60 19.79 13.15
N VAL D 46 49.00 21.05 13.35
CA VAL D 46 49.07 21.68 14.67
C VAL D 46 47.66 22.01 15.21
N ALA D 47 46.74 22.42 14.32
CA ALA D 47 45.34 22.72 14.66
C ALA D 47 44.64 21.42 15.02
N LEU D 48 44.96 20.36 14.27
CA LEU D 48 44.44 19.03 14.47
C LEU D 48 44.95 18.46 15.79
N SER D 49 46.24 18.73 16.09
CA SER D 49 46.94 18.28 17.29
C SER D 49 46.36 18.89 18.56
N SER D 50 45.91 20.16 18.49
CA SER D 50 45.33 20.85 19.64
C SER D 50 43.97 20.27 19.99
N PHE D 51 43.23 19.81 18.95
CA PHE D 51 41.94 19.14 19.09
C PHE D 51 42.14 17.78 19.78
N VAL D 52 43.12 16.99 19.30
CA VAL D 52 43.47 15.67 19.87
C VAL D 52 43.92 15.79 21.35
N GLU D 53 44.70 16.86 21.68
CA GLU D 53 45.15 17.12 23.05
C GLU D 53 43.99 17.51 23.97
N ARG D 54 43.06 18.37 23.48
CA ARG D 54 41.89 18.88 24.20
C ARG D 54 40.97 17.77 24.63
N GLY D 56 42.09 14.80 25.48
CA GLY D 56 42.81 14.07 26.53
C GLY D 56 43.82 13.08 25.99
N LEU D 57 44.06 13.12 24.67
CA LEU D 57 44.97 12.21 23.99
C LEU D 57 46.34 12.81 23.67
N GLN D 58 47.26 11.92 23.29
CA GLN D 58 48.64 12.27 22.94
C GLN D 58 48.80 12.62 21.45
N PRO D 59 49.74 13.54 21.08
CA PRO D 59 49.95 13.84 19.64
C PRO D 59 50.49 12.64 18.85
N GLN D 60 51.17 11.69 19.57
CA GLN D 60 51.69 10.43 19.07
C GLN D 60 50.54 9.58 18.50
N ALA D 61 49.41 9.53 19.24
CA ALA D 61 48.20 8.81 18.85
C ALA D 61 47.61 9.37 17.55
N ARG D 63 49.41 10.85 15.13
CA ARG D 63 50.32 10.47 14.07
C ARG D 63 50.03 9.03 13.59
N VAL D 64 49.85 8.07 14.55
CA VAL D 64 49.53 6.68 14.22
C VAL D 64 48.17 6.55 13.52
N ALA D 65 47.22 7.44 13.88
CA ALA D 65 45.87 7.51 13.30
C ALA D 65 45.96 8.04 11.88
N LEU D 66 46.78 9.09 11.67
CA LEU D 66 46.98 9.66 10.34
C LEU D 66 47.73 8.70 9.42
N HIS D 67 48.67 7.89 9.97
CA HIS D 67 49.37 6.89 9.17
C HIS D 67 48.40 5.79 8.71
N ARG D 68 47.55 5.30 9.62
CA ARG D 68 46.55 4.28 9.33
C ARG D 68 45.66 4.79 8.18
N LEU D 69 45.09 6.00 8.34
CA LEU D 69 44.19 6.65 7.38
C LEU D 69 44.83 6.97 6.03
N LYS D 70 46.15 7.27 6.02
CA LYS D 70 46.89 7.57 4.79
C LYS D 70 46.94 6.32 3.94
N ARG D 71 47.55 5.22 4.46
CA ARG D 71 47.70 3.95 3.74
C ARG D 71 46.42 3.34 3.25
N ASP D 72 45.33 3.51 4.02
CA ASP D 72 43.99 3.01 3.74
C ASP D 72 43.17 3.92 2.80
N GLY D 73 43.80 4.96 2.28
CA GLY D 73 43.20 5.89 1.33
C GLY D 73 42.04 6.71 1.84
N TRP D 74 41.99 7.01 3.13
CA TRP D 74 40.93 7.83 3.70
C TRP D 74 41.35 9.28 3.79
N VAL D 75 42.65 9.53 4.02
CA VAL D 75 43.20 10.86 4.16
C VAL D 75 44.36 11.10 3.18
N GLU D 76 44.52 12.37 2.77
CA GLU D 76 45.59 12.87 1.91
C GLU D 76 46.40 13.94 2.66
N SER D 77 47.73 13.97 2.46
CA SER D 77 48.61 14.90 3.17
C SER D 77 49.59 15.69 2.31
N ARG D 78 49.70 16.98 2.62
CA ARG D 78 50.50 18.00 1.96
C ARG D 78 51.50 18.48 2.98
N ARG D 79 52.64 18.90 2.52
CA ARG D 79 53.61 19.53 3.37
C ARG D 79 54.03 20.76 2.60
N LEU D 80 53.63 21.95 3.12
CA LEU D 80 53.92 23.28 2.58
C LEU D 80 54.85 23.91 3.59
N GLY D 81 56.14 23.74 3.33
CA GLY D 81 57.19 24.18 4.24
C GLY D 81 57.28 23.19 5.38
N ARG D 82 57.21 23.69 6.62
CA ARG D 82 57.27 22.80 7.79
C ARG D 82 55.88 22.44 8.32
N VAL D 83 54.81 22.98 7.69
CA VAL D 83 53.44 22.70 8.08
C VAL D 83 52.81 21.58 7.26
N GLY D 84 52.14 20.66 7.96
CA GLY D 84 51.43 19.54 7.36
C GLY D 84 49.95 19.84 7.24
N PHE D 85 49.33 19.54 6.08
CA PHE D 85 47.91 19.76 5.82
C PHE D 85 47.22 18.47 5.41
N HIS D 86 46.23 18.11 6.21
CA HIS D 86 45.45 16.88 6.07
C HIS D 86 44.02 17.18 5.66
N ARG D 87 43.44 16.30 4.81
CA ARG D 87 42.08 16.40 4.30
C ARG D 87 41.57 15.01 3.96
N LEU D 88 40.24 14.81 3.87
CA LEU D 88 39.75 13.52 3.41
C LEU D 88 40.08 13.35 1.92
N SER D 89 40.38 12.12 1.51
CA SER D 89 40.68 11.80 0.11
C SER D 89 39.39 11.94 -0.71
N ASP D 90 39.53 12.09 -2.05
CA ASP D 90 38.40 12.23 -2.98
C ASP D 90 37.43 11.07 -2.79
N SER D 91 38.01 9.86 -2.61
CA SER D 91 37.31 8.60 -2.32
C SER D 91 36.45 8.72 -1.04
N ALA D 92 37.06 9.24 0.05
CA ALA D 92 36.43 9.44 1.35
C ALA D 92 35.39 10.55 1.31
N LEU D 93 35.64 11.66 0.57
CA LEU D 93 34.69 12.77 0.45
C LEU D 93 33.38 12.36 -0.24
N THR D 94 33.46 11.64 -1.37
CA THR D 94 32.27 11.19 -2.10
C THR D 94 31.43 10.21 -1.27
N GLN D 95 32.09 9.35 -0.48
CA GLN D 95 31.48 8.37 0.42
C GLN D 95 30.78 9.10 1.60
N THR D 96 31.42 10.19 2.10
CA THR D 96 30.98 11.08 3.18
C THR D 96 29.75 11.87 2.73
N ARG D 97 29.79 12.37 1.47
CA ARG D 97 28.75 13.17 0.89
C ARG D 97 27.48 12.35 0.65
N ALA D 98 27.65 11.03 0.42
CA ALA D 98 26.59 10.06 0.18
C ALA D 98 25.75 9.81 1.42
N VAL D 99 26.28 10.14 2.61
CA VAL D 99 25.60 9.94 3.90
C VAL D 99 25.23 11.24 4.61
N ALA D 100 25.53 12.40 3.98
CA ALA D 100 25.24 13.74 4.52
C ALA D 100 23.80 13.87 5.06
N GLY D 101 22.81 13.48 4.24
CA GLY D 101 21.41 13.56 4.59
C GLY D 101 21.00 12.70 5.76
N ARG D 102 21.62 11.52 5.89
CA ARG D 102 21.35 10.58 6.99
C ARG D 102 21.89 11.17 8.32
N ILE D 103 23.08 11.83 8.26
CA ILE D 103 23.73 12.40 9.43
C ILE D 103 23.18 13.77 9.79
N TYR D 104 23.28 14.72 8.86
CA TYR D 104 22.91 16.12 9.05
C TYR D 104 21.45 16.46 8.71
N GLY D 105 20.80 15.65 7.90
CA GLY D 105 19.42 15.87 7.48
C GLY D 105 18.34 15.81 8.56
N PRO D 106 17.08 16.17 8.19
CA PRO D 106 16.01 16.20 9.21
C PRO D 106 15.49 14.84 9.67
N GLY D 107 15.82 13.76 8.94
CA GLY D 107 15.40 12.40 9.25
C GLY D 107 14.12 12.04 8.56
N ALA D 108 13.82 10.74 8.48
CA ALA D 108 12.63 10.27 7.75
C ALA D 108 11.28 10.49 8.42
N GLY D 109 11.29 10.88 9.66
CA GLY D 109 10.07 11.14 10.42
C GLY D 109 9.19 9.93 10.52
N PRO D 110 7.86 10.07 10.32
CA PRO D 110 6.99 8.88 10.32
C PRO D 110 7.00 8.35 8.89
N ALA D 111 8.06 7.60 8.61
CA ALA D 111 8.29 7.03 7.30
C ALA D 111 7.54 5.73 7.20
N PRO D 112 6.97 5.42 6.02
CA PRO D 112 6.29 4.14 5.86
C PRO D 112 7.25 2.97 5.59
N TRP D 113 6.86 1.78 6.04
CA TRP D 113 7.59 0.55 5.76
C TRP D 113 6.70 -0.40 4.91
N HIS D 114 7.35 -1.40 4.31
CA HIS D 114 6.73 -2.43 3.49
C HIS D 114 7.45 -3.75 3.75
N LEU D 115 6.85 -4.87 3.29
CA LEU D 115 7.49 -6.17 3.44
C LEU D 115 7.80 -6.70 2.05
N ALA D 116 9.03 -7.17 1.86
CA ALA D 116 9.52 -7.67 0.58
C ALA D 116 9.97 -9.13 0.72
N GLY D 117 9.47 -9.95 -0.19
CA GLY D 117 9.78 -11.38 -0.23
C GLY D 117 10.54 -11.70 -1.47
N PRO D 119 12.53 -14.03 -4.44
CA PRO D 119 12.23 -15.29 -5.14
C PRO D 119 12.98 -16.52 -4.58
N PRO D 120 12.49 -17.76 -4.83
CA PRO D 120 13.13 -18.96 -4.25
C PRO D 120 14.55 -19.25 -4.72
N ASP D 121 14.83 -18.93 -6.00
CA ASP D 121 16.12 -19.14 -6.64
C ASP D 121 17.23 -18.25 -6.08
N ALA D 122 16.88 -17.03 -5.58
CA ALA D 122 17.84 -16.02 -5.06
C ALA D 122 18.11 -16.17 -3.57
N PRO D 123 19.27 -16.75 -3.15
CA PRO D 123 19.56 -16.85 -1.70
C PRO D 123 20.06 -15.54 -1.09
N ASP D 124 20.99 -14.86 -1.78
CA ASP D 124 21.54 -13.58 -1.38
C ASP D 124 20.73 -12.44 -2.02
N GLY D 125 19.40 -12.50 -1.88
CA GLY D 125 18.48 -11.54 -2.46
C GLY D 125 18.74 -10.11 -2.02
N LEU D 126 19.10 -9.92 -0.73
CA LEU D 126 19.39 -8.61 -0.16
C LEU D 126 20.53 -7.84 -0.88
N SER D 127 21.47 -8.56 -1.50
CA SER D 127 22.56 -7.94 -2.26
C SER D 127 22.02 -7.34 -3.57
N LEU D 128 20.97 -7.98 -4.16
CA LEU D 128 20.28 -7.55 -5.39
C LEU D 128 19.48 -6.26 -5.15
N LEU D 129 19.27 -5.86 -3.86
CA LEU D 129 18.51 -4.66 -3.54
C LEU D 129 19.37 -3.40 -3.61
N PRO D 130 18.92 -2.38 -4.38
CA PRO D 130 19.68 -1.11 -4.48
C PRO D 130 20.05 -0.45 -3.16
N ASP D 131 21.08 0.42 -3.20
CA ASP D 131 21.61 1.19 -2.05
C ASP D 131 20.59 2.20 -1.51
N THR D 132 19.59 2.57 -2.36
CA THR D 132 18.49 3.50 -2.09
C THR D 132 17.44 2.89 -1.13
N LEU D 133 17.44 1.55 -1.04
CA LEU D 133 16.52 0.77 -0.22
C LEU D 133 17.28 0.28 0.98
N SER D 134 16.65 0.39 2.15
CA SER D 134 17.18 -0.15 3.37
C SER D 134 16.32 -1.36 3.63
N ALA D 135 16.95 -2.49 4.05
CA ALA D 135 16.26 -3.74 4.32
C ALA D 135 16.72 -4.42 5.58
N THR D 136 15.74 -4.81 6.42
CA THR D 136 15.95 -5.56 7.65
C THR D 136 15.30 -6.95 7.52
N PRO D 137 16.11 -8.03 7.39
CA PRO D 137 15.51 -9.37 7.33
C PRO D 137 14.76 -9.75 8.62
N ILE D 138 13.59 -10.38 8.48
CA ILE D 138 12.77 -10.87 9.60
C ILE D 138 12.58 -12.40 9.46
N SER D 139 12.99 -12.94 8.29
CA SER D 139 13.01 -14.35 7.89
C SER D 139 14.10 -14.51 6.81
N ARG D 140 14.39 -15.75 6.38
CA ARG D 140 15.40 -16.03 5.33
C ARG D 140 15.09 -15.40 3.98
N ARG D 141 13.80 -15.23 3.64
CA ARG D 141 13.39 -14.66 2.36
C ARG D 141 12.62 -13.35 2.47
N PHE D 142 12.17 -13.00 3.68
CA PHE D 142 11.42 -11.77 3.90
C PHE D 142 12.16 -10.75 4.72
N ALA D 143 12.03 -9.48 4.29
CA ALA D 143 12.65 -8.33 4.95
C ALA D 143 11.72 -7.14 4.99
N LEU D 144 11.84 -6.32 6.05
CA LEU D 144 11.11 -5.08 6.16
C LEU D 144 11.91 -4.07 5.35
N ILE D 145 11.26 -3.32 4.46
CA ILE D 145 11.95 -2.36 3.61
C ILE D 145 11.51 -0.91 3.78
N CYS D 146 12.39 0.02 3.43
CA CYS D 146 12.14 1.45 3.39
C CYS D 146 12.80 2.00 2.14
N GLY D 147 12.20 3.05 1.58
CA GLY D 147 12.78 3.73 0.43
C GLY D 147 11.93 3.70 -0.81
N PRO D 148 12.48 4.13 -1.95
CA PRO D 148 11.66 4.15 -3.18
C PRO D 148 11.20 2.76 -3.64
N LEU D 149 9.87 2.56 -3.66
CA LEU D 149 9.29 1.28 -4.04
C LEU D 149 9.51 0.95 -5.49
N GLU D 150 9.86 1.96 -6.31
CA GLU D 150 10.15 1.75 -7.73
C GLU D 150 11.46 0.95 -7.87
N ASP D 151 12.31 1.01 -6.84
CA ASP D 151 13.58 0.31 -6.78
C ASP D 151 13.44 -1.14 -6.27
N VAL D 152 12.23 -1.55 -5.87
CA VAL D 152 11.96 -2.93 -5.43
C VAL D 152 11.76 -3.76 -6.69
N PRO D 153 12.62 -4.78 -6.95
CA PRO D 153 12.50 -5.55 -8.22
C PRO D 153 11.16 -6.25 -8.39
N GLU D 154 10.72 -6.36 -9.65
CA GLU D 154 9.43 -6.93 -10.04
C GLU D 154 9.25 -8.40 -9.67
N ASP D 155 10.34 -9.11 -9.39
CA ASP D 155 10.29 -10.52 -9.03
C ASP D 155 10.25 -10.73 -7.49
N TRP D 156 10.00 -9.66 -6.73
CA TRP D 156 9.87 -9.71 -5.29
C TRP D 156 8.42 -9.50 -4.93
N LEU D 157 7.95 -10.14 -3.85
CA LEU D 157 6.58 -9.99 -3.38
C LEU D 157 6.48 -8.80 -2.46
N LEU D 158 5.82 -7.74 -2.94
CA LEU D 158 5.68 -6.52 -2.16
C LEU D 158 4.34 -6.46 -1.50
N THR D 159 4.37 -6.37 -0.18
CA THR D 159 3.20 -6.38 0.68
C THR D 159 3.24 -5.20 1.70
N ALA D 160 2.08 -4.58 1.98
CA ALA D 160 1.95 -3.40 2.86
C ALA D 160 1.43 -3.67 4.28
N PRO D 161 1.68 -2.76 5.25
CA PRO D 161 1.18 -2.99 6.61
C PRO D 161 -0.32 -3.08 6.76
N SER D 162 -0.77 -3.92 7.70
CA SER D 162 -2.20 -4.03 8.04
C SER D 162 -2.44 -3.10 9.23
N GLY D 163 -3.71 -2.84 9.56
CA GLY D 163 -4.03 -1.98 10.70
C GLY D 163 -3.49 -2.46 12.04
N ARG D 164 -3.25 -3.78 12.14
CA ARG D 164 -2.70 -4.51 13.27
C ARG D 164 -1.28 -3.99 13.57
N GLY D 165 -0.83 -4.14 14.81
CA GLY D 165 0.52 -3.76 15.21
C GLY D 165 1.56 -4.75 14.70
N LEU D 166 2.72 -4.84 15.34
CA LEU D 166 3.71 -5.82 14.94
C LEU D 166 3.71 -6.95 15.95
N PRO D 167 3.84 -8.22 15.56
CA PRO D 167 3.94 -9.28 16.59
C PRO D 167 5.23 -9.09 17.39
N VAL D 168 5.26 -9.59 18.63
CA VAL D 168 6.45 -9.41 19.51
C VAL D 168 7.75 -9.83 18.84
N TRP D 169 7.74 -10.96 18.10
CA TRP D 169 8.92 -11.46 17.41
C TRP D 169 9.50 -10.47 16.39
N VAL D 170 8.64 -9.65 15.75
CA VAL D 170 9.04 -8.61 14.80
C VAL D 170 9.56 -7.43 15.61
N GLN D 171 8.82 -6.99 16.67
CA GLN D 171 9.28 -5.88 17.49
C GLN D 171 10.68 -6.11 18.01
N ASP D 172 10.97 -7.37 18.43
CA ASP D 172 12.27 -7.73 18.97
C ASP D 172 13.41 -7.46 17.97
N VAL D 173 13.17 -7.81 16.68
CA VAL D 173 14.12 -7.57 15.60
C VAL D 173 14.37 -6.05 15.43
N VAL D 174 13.28 -5.27 15.18
CA VAL D 174 13.32 -3.82 14.94
C VAL D 174 13.89 -3.01 16.09
N VAL D 175 13.61 -3.41 17.34
CA VAL D 175 14.17 -2.74 18.54
C VAL D 175 15.71 -2.83 18.50
N GLU D 176 16.26 -4.01 18.12
CA GLU D 176 17.69 -4.26 17.98
C GLU D 176 18.27 -3.56 16.75
N ALA D 177 17.74 -3.82 15.54
CA ALA D 177 18.19 -3.22 14.28
C ALA D 177 18.00 -1.68 14.16
N GLY D 178 16.96 -1.14 14.81
CA GLY D 178 16.65 0.28 14.83
C GLY D 178 17.27 0.96 16.04
N CYS D 179 18.27 0.26 16.65
CA CYS D 179 19.12 0.69 17.77
C CYS D 179 18.45 1.44 18.90
N GLU D 180 17.17 1.07 19.23
CA GLU D 180 16.33 1.72 20.23
C GLU D 180 17.02 2.08 21.60
N ALA D 181 17.81 1.16 22.16
CA ALA D 181 18.47 1.42 23.43
C ALA D 181 19.67 2.32 23.23
N GLU D 182 20.43 2.10 22.17
CA GLU D 182 21.62 2.89 21.88
C GLU D 182 21.33 4.41 21.79
N PHE D 183 20.19 4.77 21.15
CA PHE D 183 19.78 6.16 20.92
C PHE D 183 19.34 6.81 22.21
N LYS D 184 18.71 6.03 23.11
CA LYS D 184 18.27 6.52 24.40
C LYS D 184 19.48 6.72 25.32
N ALA D 185 20.48 5.83 25.22
CA ALA D 185 21.70 5.89 25.99
C ALA D 185 22.55 7.15 25.61
N LEU D 186 22.69 7.43 24.29
CA LEU D 186 23.40 8.61 23.71
C LEU D 186 22.67 9.92 24.13
N GLU D 187 21.32 9.94 23.99
CA GLU D 187 20.49 11.07 24.40
C GLU D 187 20.78 11.44 25.88
N ARG D 188 20.90 10.38 26.73
CA ARG D 188 21.21 10.52 28.16
C ARG D 188 22.61 11.09 28.35
N THR D 189 23.58 10.49 27.64
CA THR D 189 24.98 10.94 27.62
C THR D 189 25.01 12.44 27.27
N LEU D 190 24.24 12.85 26.23
CA LEU D 190 24.12 14.25 25.80
C LEU D 190 23.44 15.20 26.77
N ALA D 191 22.52 14.73 27.63
CA ALA D 191 21.78 15.56 28.59
C ALA D 191 22.66 16.40 29.55
N GLN D 192 23.88 15.90 29.83
CA GLN D 192 24.87 16.56 30.68
C GLN D 192 25.33 17.89 30.08
N ILE D 193 25.26 18.03 28.72
CA ILE D 193 25.70 19.23 28.03
C ILE D 193 24.69 20.37 28.18
N ASP D 194 24.90 21.11 29.26
CA ASP D 194 24.09 22.21 29.71
C ASP D 194 24.44 23.51 28.99
N LYS D 195 25.70 23.99 29.13
CA LYS D 195 26.10 25.23 28.49
C LYS D 195 27.21 25.14 27.47
N VAL D 196 27.17 26.09 26.52
CA VAL D 196 28.10 26.24 25.40
C VAL D 196 29.42 26.79 25.97
N PRO D 197 30.58 26.16 25.69
CA PRO D 197 31.85 26.71 26.20
C PRO D 197 32.26 27.98 25.47
N ASP D 198 33.04 28.81 26.16
CA ASP D 198 33.53 30.11 25.68
C ASP D 198 34.55 30.01 24.55
N THR D 199 35.60 29.18 24.73
CA THR D 199 36.67 28.92 23.76
C THR D 199 36.16 28.39 22.44
N ARG D 200 36.79 28.83 21.32
CA ARG D 200 36.52 28.36 19.97
C ARG D 200 36.97 26.92 19.86
N LEU D 201 38.11 26.57 20.51
CA LEU D 201 38.64 25.20 20.55
C LEU D 201 37.68 24.25 21.29
N GLU D 202 37.18 24.65 22.48
CA GLU D 202 36.25 23.85 23.27
C GLU D 202 34.98 23.59 22.45
N ARG D 203 34.41 24.67 21.85
CA ARG D 203 33.22 24.59 20.97
C ARG D 203 33.46 23.61 19.83
N PHE D 204 34.65 23.66 19.21
CA PHE D 204 35.04 22.78 18.11
C PHE D 204 35.12 21.32 18.57
N THR D 205 35.89 21.04 19.66
CA THR D 205 36.08 19.69 20.22
C THR D 205 34.74 19.06 20.64
N LEU D 206 33.84 19.87 21.22
CA LEU D 206 32.54 19.39 21.67
C LEU D 206 31.67 19.02 20.47
N ARG D 207 31.67 19.87 19.42
CA ARG D 207 30.90 19.65 18.19
C ARG D 207 31.33 18.36 17.53
N VAL D 208 32.66 18.15 17.35
CA VAL D 208 33.21 16.92 16.74
C VAL D 208 32.82 15.68 17.58
N LEU D 209 32.87 15.79 18.94
CA LEU D 209 32.50 14.68 19.83
C LEU D 209 31.00 14.31 19.73
N VAL D 210 30.12 15.32 19.81
CA VAL D 210 28.67 15.13 19.68
C VAL D 210 28.34 14.58 18.28
N LEU D 211 29.01 15.12 17.23
CA LEU D 211 28.80 14.65 15.86
C LEU D 211 29.31 13.23 15.63
N HIS D 212 30.48 12.88 16.17
CA HIS D 212 31.02 11.53 16.02
C HIS D 212 30.13 10.47 16.70
N ALA D 213 29.69 10.73 17.96
CA ALA D 213 28.83 9.84 18.74
C ALA D 213 27.55 9.50 17.93
N TRP D 214 26.99 10.52 17.27
CA TRP D 214 25.82 10.48 16.42
C TRP D 214 26.14 9.76 15.11
N ARG D 215 27.21 10.16 14.40
CA ARG D 215 27.63 9.54 13.14
C ARG D 215 27.78 8.02 13.30
N ARG D 216 28.61 7.58 14.30
CA ARG D 216 28.87 6.17 14.57
C ARG D 216 27.62 5.29 14.84
N LEU D 217 26.55 5.89 15.39
CA LEU D 217 25.32 5.14 15.67
C LEU D 217 24.30 5.16 14.52
N ILE D 218 24.01 6.35 13.94
CA ILE D 218 23.05 6.47 12.86
C ILE D 218 23.43 5.59 11.66
N LEU D 219 24.70 5.62 11.29
CA LEU D 219 25.18 4.84 10.16
C LEU D 219 25.14 3.36 10.41
N ARG D 220 25.05 2.96 11.67
CA ARG D 220 24.94 1.57 12.08
C ARG D 220 23.44 1.14 12.18
N SER D 221 22.51 2.07 12.50
CA SER D 221 21.08 1.80 12.61
C SER D 221 20.41 1.57 11.27
N SER D 222 19.32 0.74 11.24
CA SER D 222 18.59 0.42 10.00
C SER D 222 17.40 1.34 9.72
N PRO D 223 17.41 2.21 8.68
CA PRO D 223 16.22 3.07 8.43
C PRO D 223 14.90 2.30 8.31
N ALA D 224 14.95 1.08 7.71
CA ALA D 224 13.81 0.15 7.59
C ALA D 224 13.26 -0.20 8.99
N ALA D 225 14.15 -0.64 9.92
CA ALA D 225 13.78 -0.95 11.30
C ALA D 225 13.27 0.26 12.01
N GLU D 226 13.87 1.42 11.73
CA GLU D 226 13.40 2.65 12.35
C GLU D 226 11.99 2.94 11.85
N ALA D 227 11.75 2.88 10.51
CA ALA D 227 10.41 3.07 9.91
C ALA D 227 9.32 2.27 10.63
N ALA D 228 9.61 0.97 10.94
CA ALA D 228 8.78 -0.01 11.68
C ALA D 228 8.57 0.29 13.19
N LEU D 229 9.49 1.04 13.84
CA LEU D 229 9.34 1.38 15.27
C LEU D 229 8.37 2.55 15.48
N GLY D 230 8.09 3.27 14.39
CA GLY D 230 7.13 4.38 14.37
C GLY D 230 7.64 5.73 14.80
N GLY D 231 6.73 6.62 15.13
CA GLY D 231 7.01 8.00 15.51
C GLY D 231 7.42 8.26 16.94
N ALA D 232 7.42 7.22 17.78
CA ALA D 232 7.85 7.32 19.18
C ALA D 232 9.29 6.81 19.32
N ARG D 233 9.89 6.38 18.17
CA ARG D 233 11.25 5.87 18.09
C ARG D 233 12.28 6.85 18.64
N ALA D 234 13.30 6.24 19.27
CA ALA D 234 14.43 6.88 19.92
C ALA D 234 15.28 7.71 18.94
N GLU D 235 15.37 7.31 17.63
CA GLU D 235 16.16 8.04 16.63
C GLU D 235 15.61 9.44 16.36
N ILE D 236 14.30 9.63 16.50
CA ILE D 236 13.68 10.91 16.21
C ILE D 236 14.19 11.96 17.21
N SER D 237 14.08 11.62 18.50
CA SER D 237 14.45 12.49 19.63
C SER D 237 15.98 12.66 19.78
N CYS D 238 16.72 11.58 19.53
CA CYS D 238 18.14 11.66 19.60
C CYS D 238 18.70 12.53 18.45
N ARG D 239 18.10 12.46 17.25
CA ARG D 239 18.48 13.31 16.12
C ARG D 239 18.21 14.77 16.44
N ALA D 240 17.10 15.04 17.10
CA ALA D 240 16.67 16.36 17.50
C ALA D 240 17.69 16.97 18.50
N ARG D 241 18.08 16.23 19.55
CA ARG D 241 19.03 16.70 20.53
C ARG D 241 20.39 16.93 19.88
N VAL D 242 20.82 16.00 19.05
CA VAL D 242 22.10 16.12 18.34
C VAL D 242 22.09 17.40 17.55
N HIS D 243 21.06 17.58 16.69
CA HIS D 243 20.97 18.78 15.86
CA HIS D 243 20.86 18.80 15.85
C HIS D 243 20.92 20.05 16.70
N GLN D 244 20.13 20.07 17.80
CA GLN D 244 20.08 21.20 18.73
C GLN D 244 21.48 21.54 19.22
N LEU D 245 22.22 20.55 19.76
CA LEU D 245 23.58 20.73 20.28
C LEU D 245 24.51 21.33 19.26
N LEU D 246 24.55 20.79 18.03
CA LEU D 246 25.36 21.29 16.89
C LEU D 246 25.02 22.72 16.49
N ASP D 247 23.75 23.11 16.61
CA ASP D 247 23.29 24.47 16.31
C ASP D 247 23.76 25.43 17.38
N GLN D 248 23.56 25.08 18.68
CA GLN D 248 23.96 25.95 19.78
C GLN D 248 25.47 26.08 19.91
N LEU D 249 26.22 25.08 19.44
CA LEU D 249 27.68 25.08 19.40
C LEU D 249 28.16 25.83 18.16
N GLY D 250 27.36 25.78 17.09
CA GLY D 250 27.65 26.42 15.81
C GLY D 250 28.81 25.77 15.08
N SER D 251 29.32 26.45 14.02
CA SER D 251 30.46 25.95 13.23
C SER D 251 31.70 26.79 13.49
N VAL D 252 32.84 26.10 13.77
CA VAL D 252 34.12 26.73 14.11
C VAL D 252 35.21 26.41 13.09
N GLU D 253 35.85 27.46 12.56
CA GLU D 253 36.99 27.35 11.66
C GLU D 253 38.25 27.13 12.57
N PRO D 254 39.03 26.05 12.42
CA PRO D 254 40.20 25.89 13.30
C PRO D 254 41.40 26.73 12.82
#